data_4PV4
#
_entry.id   4PV4
#
_cell.length_a   124.299
_cell.length_b   82.865
_cell.length_c   110.091
_cell.angle_alpha   90.000
_cell.angle_beta   90.000
_cell.angle_gamma   90.000
#
_symmetry.space_group_name_H-M   'P 21 21 2'
#
loop_
_entity.id
_entity.type
_entity.pdbx_description
1 polymer 'Proline aminopeptidase P II'
2 non-polymer 'MAGNESIUM ION'
3 non-polymer 'PENTAETHYLENE GLYCOL'
4 non-polymer 'TRIETHYLENE GLYCOL'
5 non-polymer 1,2-ETHANEDIOL
6 non-polymer 'HEXAETHYLENE GLYCOL'
7 water water
#
_entity_poly.entity_id   1
_entity_poly.type   'polypeptide(L)'
_entity_poly.pdbx_seq_one_letter_code
;MTQQEYQNRRQALLAKMAPGSAAIIFAAPEATRSADSEYPYRQNSDFSYLTGFNEPEAVLILVKSDETHNHSVLFNRIRD
LTAEIWFGRRLGQEAAPTKLAVDRALPFDEINEQLYLLLNRLDVIYHAQGQYAYADNIVFAALEKLRHGFRKNLRAPATL
TDWRPWLHEMRLFKSAEEIAVLRRAGEISALAHTRAMEKCRPGMFEYQLEGEILHEFTRHGARYPAYNTIVGGGENGCIL
HYTENECELRDGDLVLIDAGCEYRGYAGDITRTFPVNGKFTPAQRAVYDIVLAAINKSLTLFRPGTSIREVTEEVVRIMV
VGLVELGILKGDIEQLIAEQAHRPFFMHGLSHWLGMDVHDVGDYGSSDRGRILEPGMVLTVEPGLYIAPDADVPPQYRGI
GIRIEDDIVITATGNENLTASVVKDPDDIEALMALNHAGENLYFQ
;
_entity_poly.pdbx_strand_id   A,B
#
loop_
_chem_comp.id
_chem_comp.type
_chem_comp.name
_chem_comp.formula
1PE non-polymer 'PENTAETHYLENE GLYCOL' 'C10 H22 O6'
EDO non-polymer 1,2-ETHANEDIOL 'C2 H6 O2'
MG non-polymer 'MAGNESIUM ION' 'Mg 2'
P6G non-polymer 'HEXAETHYLENE GLYCOL' 'C12 H26 O7'
PGE non-polymer 'TRIETHYLENE GLYCOL' 'C6 H14 O4'
#
# COMPACT_ATOMS: atom_id res chain seq x y z
N MET A 1 -2.82 -19.86 -11.82
CA MET A 1 -3.53 -21.16 -11.70
C MET A 1 -4.08 -21.46 -13.04
N THR A 2 -4.28 -22.76 -13.29
CA THR A 2 -4.73 -23.20 -14.55
C THR A 2 -6.20 -22.90 -14.63
N GLN A 3 -6.71 -22.91 -15.87
CA GLN A 3 -8.17 -22.77 -16.10
C GLN A 3 -8.88 -23.87 -15.35
N GLN A 4 -8.33 -25.08 -15.39
CA GLN A 4 -8.99 -26.18 -14.73
C GLN A 4 -9.15 -25.93 -13.20
N GLU A 5 -8.08 -25.47 -12.55
CA GLU A 5 -8.18 -25.10 -11.11
C GLU A 5 -9.38 -24.15 -10.82
N TYR A 6 -9.53 -23.08 -11.62
CA TYR A 6 -10.63 -22.15 -11.38
C TYR A 6 -11.97 -22.88 -11.61
N GLN A 7 -12.06 -23.74 -12.63
CA GLN A 7 -13.26 -24.47 -12.88
CA GLN A 7 -13.28 -24.51 -12.90
C GLN A 7 -13.62 -25.35 -11.70
N ASN A 8 -12.63 -26.00 -11.14
CA ASN A 8 -12.85 -26.91 -10.03
C ASN A 8 -13.43 -26.16 -8.84
N ARG A 9 -12.86 -25.00 -8.57
CA ARG A 9 -13.33 -24.16 -7.44
C ARG A 9 -14.78 -23.67 -7.71
N ARG A 10 -15.03 -23.21 -8.92
CA ARG A 10 -16.37 -22.73 -9.22
C ARG A 10 -17.42 -23.83 -9.11
N GLN A 11 -17.06 -25.01 -9.62
CA GLN A 11 -17.99 -26.15 -9.54
C GLN A 11 -18.22 -26.66 -8.13
N ALA A 12 -17.16 -26.59 -7.29
CA ALA A 12 -17.28 -26.93 -5.86
C ALA A 12 -18.18 -25.99 -5.11
N LEU A 13 -18.18 -24.68 -5.45
CA LEU A 13 -19.13 -23.78 -4.82
C LEU A 13 -20.50 -24.04 -5.37
N LEU A 14 -20.59 -24.25 -6.68
CA LEU A 14 -21.90 -24.54 -7.29
C LEU A 14 -22.50 -25.80 -6.70
N ALA A 15 -21.67 -26.76 -6.34
CA ALA A 15 -22.21 -27.99 -5.79
C ALA A 15 -22.96 -27.77 -4.48
N LYS A 16 -22.57 -26.76 -3.72
CA LYS A 16 -23.23 -26.42 -2.42
C LYS A 16 -24.52 -25.65 -2.58
N MET A 17 -24.63 -24.93 -3.69
CA MET A 17 -25.74 -24.04 -3.94
C MET A 17 -27.04 -24.77 -4.24
N ALA A 18 -28.12 -24.10 -3.93
CA ALA A 18 -29.47 -24.58 -4.29
C ALA A 18 -29.82 -24.48 -5.75
N PRO A 19 -30.66 -25.39 -6.27
CA PRO A 19 -31.20 -25.10 -7.60
C PRO A 19 -31.91 -23.75 -7.58
N GLY A 20 -31.88 -23.02 -8.69
CA GLY A 20 -32.55 -21.71 -8.74
C GLY A 20 -31.89 -20.68 -7.82
N SER A 21 -30.58 -20.50 -7.96
CA SER A 21 -29.86 -19.55 -7.11
C SER A 21 -28.69 -18.94 -7.87
N ALA A 22 -28.12 -17.87 -7.34
CA ALA A 22 -26.92 -17.30 -7.87
C ALA A 22 -26.02 -16.81 -6.77
N ALA A 23 -24.74 -17.06 -6.93
CA ALA A 23 -23.71 -16.52 -6.06
C ALA A 23 -23.08 -15.29 -6.72
N ILE A 24 -22.90 -14.21 -5.95
CA ILE A 24 -22.35 -12.96 -6.47
CA ILE A 24 -22.34 -12.99 -6.48
C ILE A 24 -21.09 -12.63 -5.69
N ILE A 25 -19.98 -12.49 -6.41
CA ILE A 25 -18.64 -12.28 -5.78
C ILE A 25 -18.03 -10.98 -6.37
N PHE A 26 -17.76 -10.00 -5.50
CA PHE A 26 -17.30 -8.68 -5.93
C PHE A 26 -15.78 -8.49 -5.80
N ALA A 27 -15.23 -7.67 -6.71
CA ALA A 27 -13.80 -7.30 -6.63
C ALA A 27 -13.61 -6.24 -5.54
N ALA A 28 -12.37 -6.07 -5.09
CA ALA A 28 -12.12 -5.06 -4.10
C ALA A 28 -12.25 -3.67 -4.73
N PRO A 29 -12.61 -2.68 -3.90
CA PRO A 29 -12.47 -1.28 -4.29
C PRO A 29 -11.01 -0.95 -4.35
N GLU A 30 -10.70 0.09 -5.09
CA GLU A 30 -9.33 0.60 -5.08
C GLU A 30 -9.12 1.33 -3.74
N ALA A 31 -7.89 1.58 -3.33
CA ALA A 31 -7.64 2.23 -2.06
C ALA A 31 -6.78 3.46 -2.32
N THR A 32 -7.32 4.61 -2.02
CA THR A 32 -6.53 5.84 -2.06
C THR A 32 -5.35 5.79 -1.11
N ARG A 33 -4.18 6.27 -1.58
CA ARG A 33 -3.08 6.47 -0.69
C ARG A 33 -3.03 7.95 -0.26
N SER A 34 -3.05 8.85 -1.22
CA SER A 34 -3.09 10.26 -0.95
C SER A 34 -3.56 10.98 -2.16
N ALA A 35 -4.56 11.82 -1.96
CA ALA A 35 -5.13 12.69 -3.01
C ALA A 35 -5.51 11.81 -4.19
N ASP A 36 -4.94 12.01 -5.37
CA ASP A 36 -5.29 11.21 -6.56
C ASP A 36 -4.42 9.98 -6.78
N SER A 37 -3.52 9.62 -5.83
CA SER A 37 -2.70 8.46 -5.97
C SER A 37 -3.26 7.30 -5.19
N GLU A 38 -3.22 6.11 -5.80
CA GLU A 38 -3.72 4.91 -5.17
C GLU A 38 -2.61 4.00 -4.75
N TYR A 39 -2.90 3.18 -3.76
CA TYR A 39 -2.05 2.06 -3.40
C TYR A 39 -2.05 1.03 -4.53
N PRO A 40 -0.98 0.24 -4.64
CA PRO A 40 -0.99 -0.84 -5.66
C PRO A 40 -2.21 -1.72 -5.39
N TYR A 41 -2.96 -1.99 -6.45
CA TYR A 41 -4.23 -2.69 -6.31
C TYR A 41 -3.99 -4.10 -5.74
N ARG A 42 -4.83 -4.48 -4.77
CA ARG A 42 -4.87 -5.86 -4.21
C ARG A 42 -6.25 -6.38 -4.40
N GLN A 43 -6.39 -7.40 -5.27
CA GLN A 43 -7.72 -7.98 -5.51
C GLN A 43 -8.20 -8.64 -4.24
N ASN A 44 -9.52 -8.63 -4.06
CA ASN A 44 -10.14 -9.36 -3.02
C ASN A 44 -9.81 -10.83 -3.11
N SER A 45 -9.42 -11.45 -1.99
CA SER A 45 -8.97 -12.83 -2.06
C SER A 45 -9.94 -13.82 -2.62
N ASP A 46 -11.18 -13.76 -2.16
CA ASP A 46 -12.17 -14.67 -2.64
C ASP A 46 -12.48 -14.48 -4.13
N PHE A 47 -12.57 -13.23 -4.59
CA PHE A 47 -12.74 -12.95 -6.01
C PHE A 47 -11.57 -13.47 -6.84
N SER A 48 -10.36 -13.30 -6.31
CA SER A 48 -9.18 -13.83 -6.97
C SER A 48 -9.21 -15.39 -6.98
N TYR A 49 -9.59 -15.96 -5.85
CA TYR A 49 -9.70 -17.43 -5.76
C TYR A 49 -10.56 -18.00 -6.87
N LEU A 50 -11.65 -17.32 -7.24
CA LEU A 50 -12.54 -17.80 -8.30
C LEU A 50 -12.21 -17.37 -9.72
N THR A 51 -11.29 -16.39 -9.86
CA THR A 51 -11.05 -15.82 -11.18
C THR A 51 -9.62 -15.59 -11.59
N GLY A 52 -8.71 -15.29 -10.66
CA GLY A 52 -7.35 -14.82 -11.04
C GLY A 52 -7.38 -13.43 -11.67
N PHE A 53 -8.51 -12.73 -11.64
CA PHE A 53 -8.66 -11.46 -12.37
C PHE A 53 -8.38 -10.27 -11.49
N ASN A 54 -7.34 -9.54 -11.83
CA ASN A 54 -6.81 -8.46 -10.99
CA ASN A 54 -6.87 -8.47 -10.94
C ASN A 54 -7.28 -7.07 -11.35
N GLU A 55 -8.51 -6.89 -11.80
CA GLU A 55 -9.06 -5.56 -12.03
C GLU A 55 -10.15 -5.20 -11.01
N PRO A 56 -10.25 -3.90 -10.61
CA PRO A 56 -11.36 -3.43 -9.86
C PRO A 56 -12.61 -3.38 -10.77
N GLU A 57 -13.75 -3.08 -10.18
CA GLU A 57 -14.98 -2.90 -10.92
C GLU A 57 -15.30 -4.13 -11.73
N ALA A 58 -15.32 -5.25 -11.02
CA ALA A 58 -15.57 -6.54 -11.65
C ALA A 58 -16.40 -7.34 -10.64
N VAL A 59 -17.35 -8.09 -11.18
CA VAL A 59 -18.29 -8.88 -10.36
C VAL A 59 -18.53 -10.20 -11.08
N LEU A 60 -18.42 -11.31 -10.39
CA LEU A 60 -18.73 -12.61 -10.95
C LEU A 60 -20.07 -13.12 -10.40
N ILE A 61 -20.95 -13.58 -11.27
CA ILE A 61 -22.22 -14.19 -10.91
C ILE A 61 -22.22 -15.69 -11.40
N LEU A 62 -22.43 -16.61 -10.48
CA LEU A 62 -22.50 -18.04 -10.80
C LEU A 62 -23.96 -18.40 -10.60
N VAL A 63 -24.65 -18.74 -11.68
CA VAL A 63 -26.07 -19.03 -11.61
C VAL A 63 -26.30 -20.52 -11.73
N LYS A 64 -27.04 -21.08 -10.76
CA LYS A 64 -27.33 -22.52 -10.75
C LYS A 64 -28.81 -22.71 -11.06
N SER A 65 -29.07 -23.33 -12.20
CA SER A 65 -30.45 -23.74 -12.58
C SER A 65 -30.81 -25.04 -11.86
N ASP A 66 -29.97 -26.06 -11.94
CA ASP A 66 -30.19 -27.30 -11.27
C ASP A 66 -28.90 -28.04 -11.10
N GLU A 67 -28.96 -29.31 -10.69
CA GLU A 67 -27.76 -30.03 -10.38
C GLU A 67 -26.85 -30.29 -11.58
N THR A 68 -27.35 -30.09 -12.78
CA THR A 68 -26.58 -30.37 -13.99
C THR A 68 -26.53 -29.15 -14.93
N HIS A 69 -27.03 -28.00 -14.49
CA HIS A 69 -27.09 -26.85 -15.37
C HIS A 69 -26.74 -25.58 -14.59
N ASN A 70 -25.65 -24.93 -15.01
CA ASN A 70 -25.29 -23.65 -14.43
C ASN A 70 -24.67 -22.73 -15.47
N HIS A 71 -24.53 -21.42 -15.18
CA HIS A 71 -23.90 -20.54 -16.14
C HIS A 71 -23.31 -19.40 -15.37
N SER A 72 -22.44 -18.64 -16.01
CA SER A 72 -21.79 -17.50 -15.33
C SER A 72 -21.87 -16.20 -16.14
N VAL A 73 -21.84 -15.09 -15.40
CA VAL A 73 -21.80 -13.76 -15.99
C VAL A 73 -20.74 -12.97 -15.24
N LEU A 74 -19.96 -12.20 -15.97
CA LEU A 74 -19.00 -11.28 -15.44
C LEU A 74 -19.44 -9.89 -15.79
N PHE A 75 -19.38 -8.96 -14.82
CA PHE A 75 -19.38 -7.51 -15.07
C PHE A 75 -17.94 -7.01 -14.92
N ASN A 76 -17.49 -6.23 -15.87
CA ASN A 76 -16.12 -5.74 -15.83
C ASN A 76 -15.99 -4.47 -16.60
N ARG A 77 -14.82 -3.83 -16.47
CA ARG A 77 -14.66 -2.55 -17.13
C ARG A 77 -14.60 -2.70 -18.65
N ILE A 78 -15.18 -1.75 -19.37
CA ILE A 78 -15.09 -1.76 -20.83
CA ILE A 78 -15.12 -1.75 -20.83
C ILE A 78 -13.70 -1.39 -21.33
N ARG A 79 -13.37 -1.89 -22.52
CA ARG A 79 -12.24 -1.37 -23.30
CA ARG A 79 -12.23 -1.37 -23.31
C ARG A 79 -12.53 0.08 -23.64
N ASP A 80 -11.52 0.91 -23.52
CA ASP A 80 -11.67 2.35 -23.73
C ASP A 80 -10.24 2.86 -24.05
N LEU A 81 -10.05 3.30 -25.29
CA LEU A 81 -8.71 3.70 -25.79
C LEU A 81 -8.06 4.67 -24.84
N THR A 82 -8.78 5.74 -24.53
CA THR A 82 -8.17 6.83 -23.77
C THR A 82 -7.82 6.44 -22.33
N ALA A 83 -8.75 5.84 -21.62
CA ALA A 83 -8.44 5.40 -20.25
C ALA A 83 -7.27 4.40 -20.26
N GLU A 84 -7.16 3.62 -21.35
CA GLU A 84 -6.10 2.60 -21.44
C GLU A 84 -4.70 3.18 -21.77
N ILE A 85 -4.64 4.17 -22.65
CA ILE A 85 -3.40 4.97 -22.87
C ILE A 85 -2.94 5.62 -21.56
N TRP A 86 -3.89 6.12 -20.80
CA TRP A 86 -3.55 6.71 -19.52
C TRP A 86 -3.25 5.68 -18.43
N PHE A 87 -4.16 4.73 -18.24
CA PHE A 87 -4.19 3.97 -16.98
C PHE A 87 -3.87 2.51 -17.08
N GLY A 88 -3.71 1.98 -18.29
CA GLY A 88 -3.34 0.59 -18.46
C GLY A 88 -4.40 -0.19 -19.19
N ARG A 89 -4.00 -1.37 -19.62
CA ARG A 89 -4.81 -2.18 -20.50
C ARG A 89 -5.91 -2.80 -19.67
N ARG A 90 -7.08 -2.99 -20.28
CA ARG A 90 -8.20 -3.64 -19.61
C ARG A 90 -8.60 -4.82 -20.44
N LEU A 91 -9.17 -5.81 -19.78
CA LEU A 91 -9.61 -7.00 -20.45
C LEU A 91 -10.76 -6.76 -21.39
N GLY A 92 -11.78 -6.08 -20.90
CA GLY A 92 -13.01 -5.82 -21.68
C GLY A 92 -13.95 -7.01 -21.83
N GLN A 93 -15.06 -6.79 -22.53
CA GLN A 93 -16.07 -7.80 -22.63
C GLN A 93 -15.83 -8.86 -23.70
N GLU A 94 -15.20 -8.48 -24.80
CA GLU A 94 -15.05 -9.44 -25.90
CA GLU A 94 -15.05 -9.40 -25.92
C GLU A 94 -14.11 -10.56 -25.55
N ALA A 95 -13.02 -10.24 -24.85
CA ALA A 95 -12.01 -11.19 -24.50
C ALA A 95 -12.30 -12.00 -23.23
N ALA A 96 -13.23 -11.52 -22.39
CA ALA A 96 -13.43 -12.12 -21.07
C ALA A 96 -13.99 -13.53 -21.07
N PRO A 97 -14.96 -13.86 -21.96
CA PRO A 97 -15.47 -15.24 -21.89
C PRO A 97 -14.37 -16.24 -22.01
N THR A 98 -13.45 -16.04 -22.94
CA THR A 98 -12.32 -16.98 -23.06
C THR A 98 -11.28 -16.85 -21.95
N LYS A 99 -10.87 -15.62 -21.63
CA LYS A 99 -9.80 -15.45 -20.67
C LYS A 99 -10.18 -15.99 -19.29
N LEU A 100 -11.41 -15.76 -18.88
CA LEU A 100 -11.89 -16.09 -17.54
C LEU A 100 -12.90 -17.23 -17.49
N ALA A 101 -13.15 -17.87 -18.66
CA ALA A 101 -14.05 -18.98 -18.77
C ALA A 101 -15.42 -18.67 -18.16
N VAL A 102 -15.98 -17.55 -18.57
CA VAL A 102 -17.32 -17.20 -18.24
C VAL A 102 -18.23 -17.29 -19.45
N ASP A 103 -19.52 -17.51 -19.29
CA ASP A 103 -20.40 -17.56 -20.44
C ASP A 103 -20.67 -16.19 -21.09
N ARG A 104 -20.61 -15.09 -20.33
CA ARG A 104 -21.04 -13.85 -20.81
C ARG A 104 -20.35 -12.77 -19.99
N ALA A 105 -20.05 -11.62 -20.61
CA ALA A 105 -19.46 -10.49 -19.93
C ALA A 105 -20.20 -9.23 -20.36
N LEU A 106 -20.46 -8.36 -19.37
CA LEU A 106 -21.20 -7.15 -19.56
C LEU A 106 -20.41 -6.01 -18.90
N PRO A 107 -20.65 -4.78 -19.36
CA PRO A 107 -19.98 -3.64 -18.78
C PRO A 107 -20.40 -3.37 -17.33
N PHE A 108 -19.41 -3.21 -16.47
CA PHE A 108 -19.63 -2.84 -15.07
C PHE A 108 -20.54 -1.63 -14.91
N ASP A 109 -20.44 -0.61 -15.80
CA ASP A 109 -21.21 0.59 -15.56
C ASP A 109 -22.69 0.37 -15.85
N GLU A 110 -23.06 -0.76 -16.46
CA GLU A 110 -24.46 -1.10 -16.70
CA GLU A 110 -24.45 -1.12 -16.71
C GLU A 110 -25.01 -2.06 -15.65
N ILE A 111 -24.20 -2.36 -14.63
CA ILE A 111 -24.61 -3.40 -13.67
C ILE A 111 -26.01 -3.15 -13.03
N ASN A 112 -26.32 -1.90 -12.72
CA ASN A 112 -27.59 -1.67 -12.06
C ASN A 112 -28.76 -1.83 -13.01
N GLU A 113 -28.49 -1.73 -14.32
CA GLU A 113 -29.53 -1.95 -15.32
CA GLU A 113 -29.50 -1.94 -15.36
C GLU A 113 -29.61 -3.41 -15.75
N GLN A 114 -28.71 -4.24 -15.23
CA GLN A 114 -28.62 -5.63 -15.70
C GLN A 114 -28.75 -6.67 -14.60
N LEU A 115 -28.18 -6.41 -13.44
CA LEU A 115 -28.12 -7.44 -12.42
C LEU A 115 -29.49 -7.94 -12.01
N TYR A 116 -30.43 -7.05 -11.83
CA TYR A 116 -31.76 -7.50 -11.37
C TYR A 116 -32.39 -8.51 -12.32
N LEU A 117 -32.11 -8.38 -13.61
CA LEU A 117 -32.62 -9.35 -14.62
C LEU A 117 -32.03 -10.74 -14.44
N LEU A 118 -30.77 -10.78 -14.02
CA LEU A 118 -30.13 -12.04 -13.74
C LEU A 118 -30.69 -12.71 -12.50
N LEU A 119 -31.11 -11.94 -11.51
CA LEU A 119 -31.60 -12.50 -10.25
C LEU A 119 -33.14 -12.74 -10.21
N ASN A 120 -33.83 -12.21 -11.19
CA ASN A 120 -35.29 -12.35 -11.31
C ASN A 120 -35.71 -13.78 -11.21
N ARG A 121 -36.68 -14.08 -10.34
CA ARG A 121 -37.27 -15.40 -10.22
C ARG A 121 -36.36 -16.50 -9.68
N LEU A 122 -35.14 -16.16 -9.23
CA LEU A 122 -34.34 -17.10 -8.43
C LEU A 122 -34.89 -17.20 -7.04
N ASP A 123 -34.58 -18.27 -6.34
CA ASP A 123 -35.02 -18.44 -4.94
C ASP A 123 -34.04 -17.94 -3.90
N VAL A 124 -32.73 -18.02 -4.20
CA VAL A 124 -31.68 -17.68 -3.25
C VAL A 124 -30.57 -16.92 -3.96
N ILE A 125 -30.10 -15.89 -3.29
CA ILE A 125 -28.90 -15.17 -3.66
CA ILE A 125 -28.89 -15.17 -3.66
C ILE A 125 -27.83 -15.42 -2.59
N TYR A 126 -26.62 -15.66 -3.01
CA TYR A 126 -25.49 -15.81 -2.11
C TYR A 126 -24.64 -14.60 -2.26
N HIS A 127 -24.48 -13.86 -1.15
CA HIS A 127 -23.74 -12.60 -1.11
C HIS A 127 -23.07 -12.47 0.27
N ALA A 128 -21.83 -11.95 0.29
CA ALA A 128 -21.12 -11.58 1.49
C ALA A 128 -21.56 -10.19 1.99
N GLN A 129 -22.62 -10.16 2.79
CA GLN A 129 -23.17 -8.93 3.29
C GLN A 129 -22.20 -8.27 4.27
N GLY A 130 -22.07 -6.96 4.13
CA GLY A 130 -21.26 -6.14 5.01
C GLY A 130 -19.81 -6.03 4.62
N GLN A 131 -19.41 -6.76 3.64
CA GLN A 131 -17.97 -6.74 3.26
C GLN A 131 -17.57 -5.43 2.59
N TYR A 132 -18.33 -5.01 1.59
CA TYR A 132 -18.11 -3.77 0.91
C TYR A 132 -19.38 -3.05 0.75
N ALA A 133 -19.39 -1.77 1.17
CA ALA A 133 -20.56 -0.95 0.93
C ALA A 133 -21.01 -0.90 -0.49
N TYR A 134 -20.11 -0.76 -1.46
CA TYR A 134 -20.57 -0.60 -2.82
C TYR A 134 -21.30 -1.81 -3.34
N ALA A 135 -20.88 -2.95 -2.83
CA ALA A 135 -21.46 -4.26 -3.22
C ALA A 135 -22.83 -4.50 -2.62
N ASP A 136 -22.96 -4.20 -1.34
CA ASP A 136 -24.29 -4.24 -0.67
C ASP A 136 -25.26 -3.35 -1.42
N ASN A 137 -24.81 -2.13 -1.72
CA ASN A 137 -25.62 -1.22 -2.45
C ASN A 137 -26.15 -1.78 -3.76
N ILE A 138 -25.27 -2.34 -4.59
CA ILE A 138 -25.66 -2.91 -5.84
C ILE A 138 -26.65 -4.08 -5.66
N VAL A 139 -26.36 -4.97 -4.73
CA VAL A 139 -27.18 -6.15 -4.56
C VAL A 139 -28.56 -5.74 -4.03
N PHE A 140 -28.59 -4.85 -3.05
CA PHE A 140 -29.83 -4.57 -2.42
C PHE A 140 -30.70 -3.69 -3.38
N ALA A 141 -30.08 -2.88 -4.24
CA ALA A 141 -30.86 -2.12 -5.26
C ALA A 141 -31.49 -3.06 -6.30
N ALA A 142 -30.77 -4.13 -6.67
CA ALA A 142 -31.28 -5.16 -7.59
C ALA A 142 -32.50 -5.83 -6.97
N LEU A 143 -32.35 -6.25 -5.71
CA LEU A 143 -33.49 -6.87 -4.98
C LEU A 143 -34.72 -5.99 -4.89
N GLU A 144 -34.52 -4.72 -4.56
CA GLU A 144 -35.62 -3.80 -4.47
C GLU A 144 -36.32 -3.61 -5.80
N LYS A 145 -35.56 -3.50 -6.89
CA LYS A 145 -36.21 -3.49 -8.22
C LYS A 145 -37.12 -4.68 -8.45
N LEU A 146 -36.64 -5.87 -8.08
CA LEU A 146 -37.44 -7.05 -8.22
C LEU A 146 -38.65 -7.02 -7.31
N ARG A 147 -38.50 -6.62 -6.06
CA ARG A 147 -39.65 -6.58 -5.15
C ARG A 147 -40.74 -5.67 -5.61
N HIS A 148 -40.35 -4.52 -6.13
CA HIS A 148 -41.27 -3.53 -6.62
C HIS A 148 -41.72 -3.70 -8.07
N GLY A 149 -41.28 -4.75 -8.77
CA GLY A 149 -41.62 -4.96 -10.18
C GLY A 149 -42.70 -6.00 -10.50
N PHE A 150 -43.62 -6.26 -9.58
CA PHE A 150 -44.59 -7.32 -9.85
CA PHE A 150 -44.77 -7.20 -9.76
C PHE A 150 -45.43 -6.96 -11.09
N ARG A 151 -45.58 -5.66 -11.38
CA ARG A 151 -46.27 -5.24 -12.58
C ARG A 151 -45.56 -5.65 -13.84
N LYS A 152 -44.23 -5.82 -13.75
CA LYS A 152 -43.45 -6.36 -14.87
C LYS A 152 -43.20 -7.87 -14.74
N ASN A 153 -43.97 -8.50 -13.87
CA ASN A 153 -43.87 -9.95 -13.61
C ASN A 153 -42.51 -10.35 -13.04
N LEU A 154 -41.82 -9.39 -12.43
CA LEU A 154 -40.55 -9.69 -11.73
C LEU A 154 -40.85 -10.23 -10.31
N ARG A 155 -39.92 -11.06 -9.82
CA ARG A 155 -39.96 -11.61 -8.47
C ARG A 155 -38.54 -11.69 -7.88
N ALA A 156 -38.43 -11.27 -6.63
CA ALA A 156 -37.17 -11.24 -5.93
C ALA A 156 -36.92 -12.57 -5.28
N PRO A 157 -35.68 -13.02 -5.25
CA PRO A 157 -35.35 -14.15 -4.41
C PRO A 157 -35.66 -13.81 -2.96
N ALA A 158 -36.27 -14.74 -2.23
CA ALA A 158 -36.67 -14.41 -0.88
C ALA A 158 -35.56 -14.65 0.11
N THR A 159 -34.45 -15.31 -0.28
CA THR A 159 -33.43 -15.66 0.68
C THR A 159 -32.06 -15.15 0.25
N LEU A 160 -31.30 -14.60 1.21
CA LEU A 160 -29.93 -14.15 1.04
C LEU A 160 -29.07 -14.99 1.99
N THR A 161 -28.09 -15.68 1.46
CA THR A 161 -27.29 -16.55 2.27
C THR A 161 -25.82 -16.19 2.00
N ASP A 162 -25.05 -16.18 3.07
CA ASP A 162 -23.61 -15.87 3.00
C ASP A 162 -22.91 -17.04 2.36
N TRP A 163 -22.06 -16.80 1.34
CA TRP A 163 -21.21 -17.87 0.80
C TRP A 163 -19.84 -17.94 1.52
N ARG A 164 -19.53 -17.00 2.38
CA ARG A 164 -18.22 -17.01 3.05
C ARG A 164 -17.95 -18.27 3.86
N PRO A 165 -18.93 -18.81 4.62
CA PRO A 165 -18.66 -20.06 5.33
C PRO A 165 -18.23 -21.17 4.38
N TRP A 166 -18.96 -21.36 3.32
CA TRP A 166 -18.59 -22.39 2.31
C TRP A 166 -17.26 -22.12 1.61
N LEU A 167 -17.07 -20.92 1.06
CA LEU A 167 -15.91 -20.64 0.25
C LEU A 167 -14.66 -20.60 1.14
N HIS A 168 -14.78 -20.21 2.39
CA HIS A 168 -13.65 -20.18 3.30
C HIS A 168 -13.27 -21.58 3.75
N GLU A 169 -14.25 -22.45 3.89
CA GLU A 169 -13.97 -23.88 4.17
CA GLU A 169 -13.93 -23.87 4.18
C GLU A 169 -13.26 -24.53 2.95
N MET A 170 -13.58 -24.07 1.74
CA MET A 170 -12.87 -24.55 0.53
C MET A 170 -11.43 -24.09 0.56
N ARG A 171 -11.19 -22.81 0.85
CA ARG A 171 -9.86 -22.23 0.86
C ARG A 171 -8.98 -22.84 1.94
N LEU A 172 -9.57 -23.35 2.99
CA LEU A 172 -8.83 -24.02 4.09
C LEU A 172 -8.09 -25.29 3.67
N PHE A 173 -8.63 -25.97 2.65
CA PHE A 173 -7.98 -27.16 2.08
C PHE A 173 -7.33 -26.85 0.75
N LYS A 174 -6.00 -26.89 0.71
CA LYS A 174 -5.24 -26.53 -0.45
C LYS A 174 -5.13 -27.67 -1.46
N SER A 175 -5.27 -27.33 -2.72
CA SER A 175 -4.99 -28.27 -3.82
C SER A 175 -3.50 -28.42 -4.06
N ALA A 176 -3.15 -29.39 -4.93
CA ALA A 176 -1.77 -29.49 -5.39
C ALA A 176 -1.22 -28.22 -5.97
N GLU A 177 -1.97 -27.61 -6.87
CA GLU A 177 -1.48 -26.40 -7.51
C GLU A 177 -1.25 -25.35 -6.43
N GLU A 178 -2.12 -25.30 -5.42
CA GLU A 178 -1.90 -24.25 -4.36
C GLU A 178 -0.69 -24.51 -3.51
N ILE A 179 -0.48 -25.78 -3.15
CA ILE A 179 0.66 -26.14 -2.34
C ILE A 179 1.94 -25.82 -3.07
N ALA A 180 1.96 -26.03 -4.38
CA ALA A 180 3.18 -25.77 -5.19
C ALA A 180 3.48 -24.25 -5.19
N VAL A 181 2.44 -23.40 -5.25
CA VAL A 181 2.64 -21.96 -5.12
C VAL A 181 3.14 -21.59 -3.73
N LEU A 182 2.52 -22.15 -2.68
CA LEU A 182 2.92 -21.84 -1.29
C LEU A 182 4.33 -22.27 -1.06
N ARG A 183 4.74 -23.39 -1.67
CA ARG A 183 6.13 -23.86 -1.58
C ARG A 183 7.12 -22.85 -2.08
N ARG A 184 6.81 -22.31 -3.24
CA ARG A 184 7.66 -21.27 -3.80
C ARG A 184 7.61 -19.98 -2.99
N ALA A 185 6.45 -19.60 -2.49
CA ALA A 185 6.39 -18.44 -1.57
C ALA A 185 7.27 -18.66 -0.33
N GLY A 186 7.30 -19.88 0.17
CA GLY A 186 8.05 -20.19 1.41
C GLY A 186 9.53 -20.09 1.11
N GLU A 187 9.89 -20.60 -0.08
CA GLU A 187 11.26 -20.61 -0.51
CA GLU A 187 11.27 -20.60 -0.58
C GLU A 187 11.77 -19.18 -0.76
N ILE A 188 11.00 -18.37 -1.46
CA ILE A 188 11.36 -16.97 -1.69
C ILE A 188 11.50 -16.25 -0.35
N SER A 189 10.56 -16.52 0.57
CA SER A 189 10.57 -15.82 1.86
C SER A 189 11.85 -16.24 2.65
N ALA A 190 12.19 -17.52 2.58
CA ALA A 190 13.35 -18.05 3.29
C ALA A 190 14.64 -17.44 2.73
N LEU A 191 14.72 -17.33 1.40
CA LEU A 191 15.90 -16.70 0.77
C LEU A 191 16.08 -15.25 1.25
N ALA A 192 14.98 -14.55 1.44
CA ALA A 192 15.03 -13.17 1.93
C ALA A 192 15.53 -13.09 3.39
N HIS A 193 15.08 -14.02 4.23
CA HIS A 193 15.49 -14.05 5.60
C HIS A 193 16.97 -14.42 5.71
N THR A 194 17.43 -15.38 4.92
CA THR A 194 18.85 -15.71 4.89
C THR A 194 19.65 -14.46 4.54
N ARG A 195 19.24 -13.77 3.51
CA ARG A 195 19.91 -12.55 3.09
C ARG A 195 19.95 -11.53 4.24
N ALA A 196 18.81 -11.34 4.93
CA ALA A 196 18.85 -10.42 6.09
C ALA A 196 19.92 -10.78 7.14
N MET A 197 20.05 -12.07 7.49
CA MET A 197 21.08 -12.51 8.39
C MET A 197 22.48 -12.24 7.87
N GLU A 198 22.66 -12.43 6.57
CA GLU A 198 23.96 -12.19 5.95
C GLU A 198 24.34 -10.73 5.86
N LYS A 199 23.35 -9.83 5.78
CA LYS A 199 23.58 -8.41 5.58
C LYS A 199 23.59 -7.61 6.86
N CYS A 200 22.98 -8.10 7.94
CA CYS A 200 22.76 -7.33 9.15
C CYS A 200 24.14 -6.94 9.72
N ARG A 201 24.28 -5.70 10.17
CA ARG A 201 25.47 -5.28 10.90
C ARG A 201 25.01 -4.26 11.89
N PRO A 202 25.70 -4.16 13.02
CA PRO A 202 25.42 -3.01 13.88
C PRO A 202 25.53 -1.68 13.16
N GLY A 203 24.60 -0.81 13.48
CA GLY A 203 24.57 0.55 12.91
C GLY A 203 23.70 0.70 11.66
N MET A 204 23.37 -0.41 11.00
CA MET A 204 22.31 -0.45 10.02
CA MET A 204 22.32 -0.40 10.01
C MET A 204 20.99 -0.09 10.65
N PHE A 205 20.13 0.57 9.92
CA PHE A 205 18.79 0.83 10.38
C PHE A 205 17.88 -0.34 10.14
N GLU A 206 16.88 -0.49 11.01
CA GLU A 206 15.85 -1.51 10.85
C GLU A 206 15.27 -1.47 9.40
N TYR A 207 14.94 -0.29 8.89
CA TYR A 207 14.32 -0.20 7.54
C TYR A 207 15.28 -0.64 6.44
N GLN A 208 16.59 -0.53 6.67
CA GLN A 208 17.54 -0.98 5.68
C GLN A 208 17.52 -2.49 5.55
N LEU A 209 17.34 -3.21 6.67
CA LEU A 209 17.23 -4.63 6.57
C LEU A 209 15.95 -5.00 5.89
N GLU A 210 14.90 -4.24 6.15
CA GLU A 210 13.64 -4.48 5.46
C GLU A 210 13.83 -4.34 3.96
N GLY A 211 14.57 -3.30 3.56
CA GLY A 211 14.85 -3.08 2.11
C GLY A 211 15.52 -4.27 1.47
N GLU A 212 16.42 -4.93 2.20
CA GLU A 212 17.12 -6.16 1.73
C GLU A 212 16.10 -7.24 1.42
N ILE A 213 15.19 -7.42 2.37
CA ILE A 213 14.19 -8.46 2.26
C ILE A 213 13.26 -8.18 1.11
N LEU A 214 12.77 -6.94 0.99
CA LEU A 214 11.81 -6.64 -0.08
C LEU A 214 12.47 -6.74 -1.50
N HIS A 215 13.75 -6.40 -1.60
CA HIS A 215 14.48 -6.54 -2.83
C HIS A 215 14.60 -8.01 -3.24
N GLU A 216 14.84 -8.88 -2.27
CA GLU A 216 14.87 -10.24 -2.54
C GLU A 216 13.56 -10.75 -3.01
N PHE A 217 12.46 -10.36 -2.38
CA PHE A 217 11.17 -10.81 -2.86
C PHE A 217 11.03 -10.45 -4.33
N THR A 218 11.32 -9.20 -4.64
CA THR A 218 11.07 -8.68 -5.98
C THR A 218 11.93 -9.40 -7.03
N ARG A 219 13.16 -9.77 -6.70
CA ARG A 219 14.06 -10.50 -7.61
C ARG A 219 13.38 -11.72 -8.14
N HIS A 220 12.53 -12.36 -7.32
CA HIS A 220 11.93 -13.68 -7.66
C HIS A 220 10.52 -13.56 -8.11
N GLY A 221 10.07 -12.35 -8.37
CA GLY A 221 8.74 -12.21 -8.91
C GLY A 221 7.63 -12.11 -7.93
N ALA A 222 7.97 -11.73 -6.70
CA ALA A 222 6.94 -11.44 -5.70
C ALA A 222 7.13 -9.97 -5.38
N ARG A 223 6.43 -9.09 -6.10
CA ARG A 223 6.61 -7.66 -6.01
CA ARG A 223 6.70 -7.65 -6.00
C ARG A 223 6.30 -7.09 -4.62
N TYR A 224 5.26 -7.66 -4.00
CA TYR A 224 4.71 -7.12 -2.78
C TYR A 224 4.86 -8.12 -1.65
N PRO A 225 5.10 -7.62 -0.44
CA PRO A 225 5.02 -8.48 0.73
C PRO A 225 3.58 -8.81 1.04
N ALA A 226 3.34 -9.94 1.70
CA ALA A 226 2.01 -10.37 2.11
C ALA A 226 1.48 -9.56 3.29
N TYR A 227 2.36 -8.80 3.93
CA TYR A 227 2.02 -7.98 5.09
C TYR A 227 3.22 -7.08 5.40
N ASN A 228 3.02 -6.05 6.22
CA ASN A 228 4.09 -5.14 6.46
C ASN A 228 5.15 -5.80 7.37
N THR A 229 6.36 -5.75 6.88
CA THR A 229 7.48 -6.42 7.52
C THR A 229 7.78 -5.83 8.87
N ILE A 230 8.11 -6.69 9.82
CA ILE A 230 8.51 -6.27 11.18
C ILE A 230 10.03 -6.48 11.24
N VAL A 231 10.77 -5.43 11.57
CA VAL A 231 12.22 -5.56 11.89
C VAL A 231 12.39 -4.90 13.24
N GLY A 232 12.27 -5.71 14.31
CA GLY A 232 12.26 -5.18 15.71
C GLY A 232 13.54 -5.50 16.44
N GLY A 233 14.43 -4.53 16.50
CA GLY A 233 15.71 -4.63 17.21
C GLY A 233 15.50 -4.30 18.67
N GLY A 234 16.13 -5.09 19.55
CA GLY A 234 16.20 -4.74 20.98
C GLY A 234 14.80 -4.70 21.53
N GLU A 235 14.48 -3.63 22.26
CA GLU A 235 13.16 -3.55 22.90
CA GLU A 235 13.15 -3.54 22.90
C GLU A 235 12.01 -3.54 21.86
N ASN A 236 12.30 -3.18 20.62
CA ASN A 236 11.28 -3.16 19.59
C ASN A 236 10.83 -4.54 19.24
N GLY A 237 11.65 -5.53 19.54
CA GLY A 237 11.21 -6.89 19.27
C GLY A 237 10.09 -7.35 20.21
N CYS A 238 9.87 -6.63 21.30
CA CYS A 238 8.83 -6.94 22.21
C CYS A 238 7.47 -6.39 21.83
N ILE A 239 7.41 -5.59 20.76
CA ILE A 239 6.17 -5.07 20.22
C ILE A 239 5.77 -5.97 19.06
N LEU A 240 4.63 -6.68 19.18
CA LEU A 240 4.33 -7.70 18.21
C LEU A 240 4.11 -7.21 16.77
N HIS A 241 3.53 -6.05 16.58
CA HIS A 241 3.32 -5.55 15.20
C HIS A 241 4.14 -4.28 15.01
N TYR A 242 5.38 -4.32 15.47
CA TYR A 242 6.28 -3.23 15.24
C TYR A 242 6.62 -3.12 13.76
N THR A 243 6.16 -2.07 13.06
CA THR A 243 6.51 -1.87 11.64
C THR A 243 7.12 -0.50 11.36
N GLU A 244 7.39 0.30 12.39
CA GLU A 244 7.99 1.62 12.19
CA GLU A 244 7.97 1.61 12.18
C GLU A 244 9.39 1.42 11.60
N ASN A 245 10.07 0.37 12.05
CA ASN A 245 11.39 -0.01 11.53
C ASN A 245 12.33 1.17 11.42
N GLU A 246 12.30 2.04 12.43
CA GLU A 246 12.93 3.34 12.25
C GLU A 246 14.23 3.49 13.05
N CYS A 247 14.63 2.48 13.80
CA CYS A 247 15.79 2.60 14.72
C CYS A 247 17.06 1.95 14.20
N GLU A 248 18.17 2.48 14.68
CA GLU A 248 19.46 1.85 14.46
CA GLU A 248 19.47 1.86 14.47
C GLU A 248 19.45 0.47 15.12
N LEU A 249 20.02 -0.52 14.44
CA LEU A 249 20.26 -1.84 15.01
C LEU A 249 21.53 -1.80 15.88
N ARG A 250 21.40 -2.12 17.16
CA ARG A 250 22.50 -1.98 18.11
C ARG A 250 23.30 -3.23 18.37
N ASP A 251 24.63 -3.06 18.44
CA ASP A 251 25.52 -4.07 18.89
C ASP A 251 25.06 -4.58 20.25
N GLY A 252 24.81 -5.89 20.35
CA GLY A 252 24.40 -6.51 21.61
C GLY A 252 22.89 -6.77 21.70
N ASP A 253 22.08 -6.25 20.75
CA ASP A 253 20.64 -6.55 20.69
C ASP A 253 20.37 -7.73 19.72
N LEU A 254 19.25 -8.38 19.94
CA LEU A 254 18.62 -9.28 18.94
C LEU A 254 17.80 -8.41 18.01
N VAL A 255 17.54 -8.92 16.83
CA VAL A 255 16.56 -8.36 15.93
C VAL A 255 15.60 -9.46 15.52
N LEU A 256 14.31 -9.13 15.56
CA LEU A 256 13.22 -10.07 15.26
C LEU A 256 12.68 -9.59 13.92
N ILE A 257 12.76 -10.44 12.92
CA ILE A 257 12.27 -10.13 11.62
C ILE A 257 11.12 -11.05 11.23
N ASP A 258 9.98 -10.46 10.96
CA ASP A 258 8.83 -11.21 10.53
C ASP A 258 8.45 -10.68 9.15
N ALA A 259 8.64 -11.52 8.12
CA ALA A 259 8.45 -11.07 6.75
C ALA A 259 8.08 -12.23 5.87
N GLY A 260 7.30 -11.94 4.84
CA GLY A 260 6.85 -13.00 3.94
C GLY A 260 6.32 -12.39 2.64
N CYS A 261 6.60 -13.06 1.51
CA CYS A 261 6.23 -12.49 0.24
C CYS A 261 4.81 -12.87 -0.12
N GLU A 262 4.21 -12.09 -0.99
CA GLU A 262 2.99 -12.53 -1.69
C GLU A 262 3.38 -12.95 -3.11
N TYR A 263 3.28 -14.25 -3.35
CA TYR A 263 3.72 -14.82 -4.64
C TYR A 263 2.54 -15.45 -5.31
N ARG A 264 2.15 -14.88 -6.43
CA ARG A 264 1.00 -15.32 -7.22
C ARG A 264 -0.21 -15.48 -6.34
N GLY A 265 -0.41 -14.48 -5.46
CA GLY A 265 -1.58 -14.36 -4.57
C GLY A 265 -1.55 -15.15 -3.29
N TYR A 266 -0.45 -15.83 -3.00
CA TYR A 266 -0.34 -16.62 -1.77
C TYR A 266 0.82 -16.07 -0.88
N ALA A 267 0.61 -16.18 0.42
CA ALA A 267 1.52 -15.63 1.43
C ALA A 267 2.50 -16.68 1.96
N GLY A 268 3.77 -16.27 2.05
CA GLY A 268 4.69 -16.84 3.02
C GLY A 268 4.63 -16.01 4.30
N ASP A 269 5.15 -16.57 5.37
CA ASP A 269 5.18 -15.88 6.64
C ASP A 269 6.21 -16.51 7.51
N ILE A 270 7.39 -15.90 7.56
CA ILE A 270 8.52 -16.46 8.33
C ILE A 270 8.89 -15.44 9.39
N THR A 271 9.25 -15.95 10.58
CA THR A 271 9.93 -15.11 11.56
C THR A 271 11.24 -15.78 11.89
N ARG A 272 12.26 -14.98 11.95
CA ARG A 272 13.59 -15.42 12.51
C ARG A 272 14.06 -14.32 13.45
N THR A 273 14.69 -14.70 14.54
CA THR A 273 15.28 -13.70 15.47
C THR A 273 16.77 -14.05 15.58
N PHE A 274 17.63 -13.06 15.53
CA PHE A 274 19.04 -13.30 15.58
C PHE A 274 19.82 -12.13 16.16
N PRO A 275 21.05 -12.40 16.65
CA PRO A 275 21.82 -11.27 17.19
C PRO A 275 22.33 -10.35 16.07
N VAL A 276 22.15 -9.05 16.28
CA VAL A 276 22.58 -8.05 15.32
C VAL A 276 24.10 -8.17 15.04
N ASN A 277 24.87 -8.41 16.10
CA ASN A 277 26.34 -8.57 15.96
C ASN A 277 26.80 -9.99 15.68
N GLY A 278 25.87 -10.89 15.43
CA GLY A 278 26.23 -12.25 15.04
C GLY A 278 26.55 -13.23 16.18
N LYS A 279 26.50 -12.80 17.44
CA LYS A 279 26.76 -13.70 18.58
CA LYS A 279 26.78 -13.67 18.60
C LYS A 279 25.72 -13.52 19.70
N PHE A 280 24.95 -14.56 19.95
CA PHE A 280 23.98 -14.51 21.06
C PHE A 280 24.73 -14.30 22.39
N THR A 281 24.25 -13.38 23.21
CA THR A 281 24.70 -13.34 24.61
C THR A 281 24.15 -14.58 25.35
N PRO A 282 24.67 -14.89 26.55
CA PRO A 282 24.16 -16.06 27.21
C PRO A 282 22.66 -15.98 27.48
N ALA A 283 22.18 -14.81 27.86
CA ALA A 283 20.78 -14.70 28.20
C ALA A 283 19.94 -14.78 26.95
N GLN A 284 20.42 -14.19 25.86
CA GLN A 284 19.69 -14.25 24.58
C GLN A 284 19.60 -15.70 24.12
N ARG A 285 20.68 -16.40 24.25
CA ARG A 285 20.70 -17.81 23.83
CA ARG A 285 20.71 -17.81 23.82
C ARG A 285 19.79 -18.70 24.67
N ALA A 286 19.73 -18.41 25.98
CA ALA A 286 18.95 -19.28 26.88
C ALA A 286 17.45 -19.12 26.51
N VAL A 287 17.05 -17.88 26.26
CA VAL A 287 15.63 -17.61 25.94
C VAL A 287 15.35 -18.19 24.55
N TYR A 288 16.26 -17.98 23.62
CA TYR A 288 16.11 -18.47 22.27
C TYR A 288 15.87 -20.00 22.29
N ASP A 289 16.65 -20.70 23.07
CA ASP A 289 16.56 -22.17 23.14
C ASP A 289 15.19 -22.66 23.63
N ILE A 290 14.50 -21.85 24.44
CA ILE A 290 13.15 -22.25 24.86
C ILE A 290 12.22 -22.15 23.66
N VAL A 291 12.33 -21.06 22.91
CA VAL A 291 11.47 -20.86 21.78
C VAL A 291 11.78 -21.93 20.72
N LEU A 292 13.08 -22.28 20.54
CA LEU A 292 13.43 -23.25 19.55
C LEU A 292 12.93 -24.64 19.95
N ALA A 293 13.01 -24.99 21.24
CA ALA A 293 12.49 -26.28 21.69
C ALA A 293 10.95 -26.34 21.42
N ALA A 294 10.29 -25.21 21.60
CA ALA A 294 8.83 -25.09 21.36
C ALA A 294 8.52 -25.31 19.89
N ILE A 295 9.27 -24.71 18.96
CA ILE A 295 8.90 -24.85 17.53
C ILE A 295 9.30 -26.25 17.11
N ASN A 296 10.45 -26.73 17.57
CA ASN A 296 10.84 -28.13 17.19
C ASN A 296 9.86 -29.17 17.64
N LYS A 297 9.39 -29.08 18.85
CA LYS A 297 8.38 -30.00 19.34
C LYS A 297 7.04 -29.86 18.56
N SER A 298 6.61 -28.63 18.29
CA SER A 298 5.41 -28.42 17.51
C SER A 298 5.55 -29.05 16.12
N LEU A 299 6.74 -28.94 15.50
CA LEU A 299 6.94 -29.47 14.19
C LEU A 299 6.88 -30.98 14.19
N THR A 300 7.26 -31.61 15.30
CA THR A 300 7.15 -33.05 15.43
CA THR A 300 7.17 -33.06 15.42
C THR A 300 5.72 -33.51 15.63
N LEU A 301 4.95 -32.68 16.30
CA LEU A 301 3.58 -33.01 16.65
C LEU A 301 2.52 -32.75 15.63
N PHE A 302 2.60 -31.66 14.87
CA PHE A 302 1.52 -31.35 13.92
C PHE A 302 1.35 -32.42 12.84
N ARG A 303 0.12 -32.93 12.76
CA ARG A 303 -0.20 -34.05 11.91
CA ARG A 303 -0.22 -34.02 11.89
C ARG A 303 -1.73 -34.17 11.89
N PRO A 304 -2.27 -34.95 10.98
CA PRO A 304 -3.75 -35.09 11.08
C PRO A 304 -4.18 -35.66 12.42
N GLY A 305 -5.29 -35.21 12.97
CA GLY A 305 -5.85 -35.77 14.21
C GLY A 305 -5.58 -34.96 15.47
N THR A 306 -4.56 -34.11 15.46
CA THR A 306 -4.34 -33.17 16.55
C THR A 306 -4.92 -31.83 16.16
N SER A 307 -4.66 -30.83 16.98
CA SER A 307 -5.22 -29.50 16.79
C SER A 307 -4.19 -28.50 17.27
N ILE A 308 -4.33 -27.27 16.85
CA ILE A 308 -3.52 -26.18 17.35
C ILE A 308 -3.64 -26.10 18.89
N ARG A 309 -4.87 -26.25 19.42
CA ARG A 309 -5.09 -26.27 20.85
CA ARG A 309 -5.08 -26.26 20.85
C ARG A 309 -4.19 -27.30 21.57
N GLU A 310 -4.15 -28.52 21.03
CA GLU A 310 -3.49 -29.60 21.71
C GLU A 310 -1.95 -29.42 21.65
N VAL A 311 -1.46 -28.97 20.50
CA VAL A 311 -0.04 -28.72 20.41
C VAL A 311 0.36 -27.56 21.31
N THR A 312 -0.47 -26.55 21.33
CA THR A 312 -0.24 -25.37 22.17
C THR A 312 -0.05 -25.78 23.65
N GLU A 313 -0.82 -26.75 24.11
CA GLU A 313 -0.64 -27.23 25.49
C GLU A 313 0.77 -27.69 25.76
N GLU A 314 1.38 -28.38 24.79
CA GLU A 314 2.76 -28.84 24.94
CA GLU A 314 2.76 -28.85 24.87
C GLU A 314 3.76 -27.70 24.90
N VAL A 315 3.53 -26.75 24.03
CA VAL A 315 4.34 -25.57 23.96
C VAL A 315 4.34 -24.82 25.27
N VAL A 316 3.17 -24.61 25.84
CA VAL A 316 3.11 -23.86 27.07
C VAL A 316 3.91 -24.53 28.17
N ARG A 317 3.88 -25.85 28.21
CA ARG A 317 4.60 -26.58 29.27
C ARG A 317 6.12 -26.40 29.09
N ILE A 318 6.58 -26.51 27.85
CA ILE A 318 7.98 -26.26 27.51
C ILE A 318 8.38 -24.88 27.96
N MET A 319 7.55 -23.91 27.68
CA MET A 319 7.88 -22.55 28.03
C MET A 319 7.93 -22.29 29.51
N VAL A 320 6.94 -22.82 30.22
CA VAL A 320 6.90 -22.59 31.67
C VAL A 320 8.09 -23.25 32.34
N VAL A 321 8.38 -24.51 31.96
CA VAL A 321 9.58 -25.16 32.51
C VAL A 321 10.82 -24.36 32.23
N GLY A 322 10.96 -23.88 30.98
CA GLY A 322 12.10 -23.12 30.57
C GLY A 322 12.24 -21.85 31.38
N LEU A 323 11.18 -21.10 31.48
CA LEU A 323 11.19 -19.81 32.19
C LEU A 323 11.46 -19.99 33.70
N VAL A 324 10.89 -21.03 34.30
CA VAL A 324 11.18 -21.38 35.70
C VAL A 324 12.67 -21.71 35.83
N GLU A 325 13.19 -22.55 34.95
CA GLU A 325 14.62 -22.89 35.07
C GLU A 325 15.59 -21.77 34.95
N LEU A 326 15.19 -20.69 34.30
CA LEU A 326 15.99 -19.47 34.25
C LEU A 326 15.69 -18.49 35.36
N GLY A 327 14.64 -18.73 36.17
CA GLY A 327 14.27 -17.74 37.21
C GLY A 327 13.36 -16.65 36.73
N ILE A 328 12.90 -16.74 35.48
CA ILE A 328 12.04 -15.71 34.94
C ILE A 328 10.63 -15.85 35.52
N LEU A 329 10.18 -17.08 35.68
CA LEU A 329 9.00 -17.41 36.49
C LEU A 329 9.46 -18.11 37.76
N LYS A 330 8.63 -18.07 38.80
CA LYS A 330 8.94 -18.71 40.06
CA LYS A 330 8.95 -18.63 40.08
C LYS A 330 7.70 -19.42 40.54
N GLY A 331 7.86 -20.70 40.84
CA GLY A 331 6.77 -21.50 41.37
C GLY A 331 6.74 -22.88 40.75
N ASP A 332 5.71 -23.61 41.09
CA ASP A 332 5.53 -24.95 40.66
C ASP A 332 5.00 -24.95 39.22
N ILE A 333 5.42 -25.92 38.42
CA ILE A 333 5.13 -25.89 36.98
C ILE A 333 3.65 -25.95 36.69
N GLU A 334 2.98 -26.96 37.27
CA GLU A 334 1.57 -27.12 37.01
C GLU A 334 0.74 -25.97 37.56
N GLN A 335 1.11 -25.43 38.72
CA GLN A 335 0.46 -24.27 39.29
C GLN A 335 0.54 -23.11 38.31
N LEU A 336 1.75 -22.85 37.84
CA LEU A 336 1.95 -21.72 36.93
C LEU A 336 1.15 -21.85 35.62
N ILE A 337 1.14 -23.06 35.06
CA ILE A 337 0.34 -23.41 33.88
C ILE A 337 -1.11 -23.13 34.15
N ALA A 338 -1.62 -23.69 35.26
CA ALA A 338 -3.01 -23.46 35.64
C ALA A 338 -3.29 -21.99 35.80
N GLU A 339 -2.34 -21.23 36.33
CA GLU A 339 -2.50 -19.77 36.49
C GLU A 339 -2.19 -18.97 35.19
N GLN A 340 -1.90 -19.67 34.08
CA GLN A 340 -1.52 -19.06 32.80
CA GLN A 340 -1.55 -19.04 32.79
C GLN A 340 -0.42 -18.03 33.00
N ALA A 341 0.60 -18.43 33.75
CA ALA A 341 1.67 -17.51 34.14
C ALA A 341 2.58 -17.16 32.98
N HIS A 342 2.55 -17.96 31.94
CA HIS A 342 3.29 -17.71 30.70
C HIS A 342 2.75 -16.48 29.93
N ARG A 343 1.51 -16.06 30.20
CA ARG A 343 0.82 -15.11 29.29
CA ARG A 343 0.84 -15.14 29.29
C ARG A 343 1.50 -13.78 29.17
N PRO A 344 2.13 -13.28 30.25
CA PRO A 344 2.87 -12.02 30.01
C PRO A 344 4.03 -12.14 28.98
N PHE A 345 4.51 -13.36 28.76
CA PHE A 345 5.64 -13.61 27.88
C PHE A 345 5.31 -14.24 26.52
N PHE A 346 4.23 -15.00 26.44
CA PHE A 346 3.77 -15.58 25.21
C PHE A 346 2.27 -15.29 25.17
N MET A 347 1.88 -14.20 24.50
CA MET A 347 0.50 -13.73 24.57
C MET A 347 -0.29 -13.88 23.30
N HIS A 348 0.26 -14.57 22.29
CA HIS A 348 -0.48 -14.77 21.05
C HIS A 348 -0.61 -16.26 20.75
N GLY A 349 -1.36 -16.58 19.69
CA GLY A 349 -1.55 -17.97 19.27
C GLY A 349 -0.28 -18.61 18.74
N LEU A 350 -0.21 -19.94 18.82
CA LEU A 350 0.87 -20.69 18.23
C LEU A 350 0.83 -20.75 16.72
N SER A 351 -0.37 -20.69 16.18
CA SER A 351 -0.56 -20.98 14.77
C SER A 351 -1.78 -20.28 14.22
N HIS A 352 -1.67 -19.83 12.97
CA HIS A 352 -2.86 -19.41 12.19
C HIS A 352 -2.81 -20.05 10.79
N TRP A 353 -3.97 -20.23 10.20
CA TRP A 353 -4.07 -20.69 8.85
C TRP A 353 -3.31 -19.76 7.95
N LEU A 354 -2.82 -20.26 6.83
CA LEU A 354 -2.04 -19.52 5.84
C LEU A 354 -2.54 -19.85 4.43
N GLY A 355 -2.66 -18.83 3.59
CA GLY A 355 -3.11 -19.02 2.23
C GLY A 355 -3.08 -17.76 1.41
N MET A 356 -4.19 -17.43 0.77
CA MET A 356 -4.24 -16.16 0.00
C MET A 356 -4.20 -14.92 0.88
N ASP A 357 -4.52 -15.09 2.18
CA ASP A 357 -4.26 -14.11 3.24
C ASP A 357 -3.31 -14.68 4.25
N VAL A 358 -2.43 -13.84 4.76
CA VAL A 358 -1.56 -14.26 5.83
C VAL A 358 -2.25 -14.77 7.05
N HIS A 359 -3.32 -14.12 7.51
CA HIS A 359 -4.15 -14.68 8.51
C HIS A 359 -5.31 -15.33 7.76
N ASP A 360 -5.12 -16.58 7.28
CA ASP A 360 -6.03 -17.06 6.28
C ASP A 360 -7.39 -17.38 6.86
N VAL A 361 -8.38 -17.39 5.96
CA VAL A 361 -9.78 -17.76 6.32
C VAL A 361 -9.85 -19.24 6.75
N GLY A 362 -10.98 -19.66 7.30
CA GLY A 362 -11.11 -21.07 7.75
C GLY A 362 -11.52 -21.11 9.21
N ASP A 363 -12.43 -22.02 9.52
CA ASP A 363 -12.99 -22.09 10.87
C ASP A 363 -12.05 -22.81 11.85
N TYR A 364 -11.63 -22.08 12.87
CA TYR A 364 -10.74 -22.59 13.96
C TYR A 364 -11.50 -23.44 14.95
N GLY A 365 -12.85 -23.38 14.87
CA GLY A 365 -13.67 -24.21 15.73
C GLY A 365 -14.05 -23.50 17.00
N SER A 366 -13.10 -22.89 17.68
CA SER A 366 -13.33 -22.21 18.96
C SER A 366 -12.22 -21.20 19.11
N SER A 367 -12.31 -20.34 20.12
CA SER A 367 -11.24 -19.38 20.38
C SER A 367 -9.95 -20.08 20.76
N ASP A 368 -10.01 -21.31 21.27
CA ASP A 368 -8.76 -21.96 21.61
C ASP A 368 -8.24 -22.82 20.43
N ARG A 369 -8.90 -22.73 19.28
CA ARG A 369 -8.39 -23.31 18.03
C ARG A 369 -8.27 -24.81 18.09
N GLY A 370 -9.38 -25.43 18.45
CA GLY A 370 -9.45 -26.88 18.55
C GLY A 370 -9.77 -27.62 17.29
N ARG A 371 -9.92 -26.93 16.14
CA ARG A 371 -10.22 -27.62 14.85
C ARG A 371 -9.31 -28.80 14.62
N ILE A 372 -9.90 -29.96 14.39
CA ILE A 372 -9.04 -31.12 14.13
C ILE A 372 -8.34 -30.99 12.78
N LEU A 373 -7.03 -31.20 12.78
CA LEU A 373 -6.25 -30.96 11.55
C LEU A 373 -6.37 -32.16 10.58
N GLU A 374 -6.37 -31.85 9.29
CA GLU A 374 -6.51 -32.78 8.19
C GLU A 374 -5.53 -32.41 7.05
N PRO A 375 -5.21 -33.36 6.18
CA PRO A 375 -4.28 -33.10 5.10
C PRO A 375 -4.81 -31.99 4.21
N GLY A 376 -3.90 -31.11 3.82
CA GLY A 376 -4.21 -30.00 2.93
C GLY A 376 -4.29 -28.68 3.65
N MET A 377 -4.43 -28.71 4.97
CA MET A 377 -4.47 -27.48 5.77
C MET A 377 -3.07 -26.95 5.83
N VAL A 378 -2.94 -25.63 5.77
CA VAL A 378 -1.69 -24.91 5.77
C VAL A 378 -1.71 -23.90 6.91
N LEU A 379 -0.65 -23.87 7.71
CA LEU A 379 -0.63 -23.11 8.93
C LEU A 379 0.77 -22.72 9.33
N THR A 380 0.84 -21.66 10.13
CA THR A 380 2.10 -21.21 10.67
C THR A 380 2.37 -21.96 11.99
N VAL A 381 3.62 -21.95 12.39
CA VAL A 381 4.01 -22.44 13.70
C VAL A 381 4.99 -21.40 14.27
N GLU A 382 4.56 -20.66 15.28
CA GLU A 382 5.17 -19.42 15.66
C GLU A 382 5.23 -19.13 17.14
N PRO A 383 5.86 -20.05 17.93
CA PRO A 383 6.07 -19.69 19.31
C PRO A 383 6.99 -18.50 19.48
N GLY A 384 6.80 -17.82 20.60
CA GLY A 384 7.62 -16.69 20.91
C GLY A 384 7.63 -16.40 22.41
N LEU A 385 8.65 -15.66 22.81
CA LEU A 385 8.74 -15.12 24.14
C LEU A 385 9.17 -13.67 24.07
N TYR A 386 8.52 -12.85 24.87
CA TYR A 386 8.67 -11.41 24.81
C TYR A 386 8.77 -10.93 26.24
N ILE A 387 10.00 -10.56 26.62
CA ILE A 387 10.28 -10.14 28.01
C ILE A 387 10.41 -8.61 28.10
N ALA A 388 9.37 -7.98 28.59
CA ALA A 388 9.28 -6.53 28.58
C ALA A 388 10.50 -5.86 29.21
N PRO A 389 10.85 -4.64 28.77
CA PRO A 389 12.00 -3.99 29.45
C PRO A 389 11.79 -3.75 30.97
N ASP A 390 10.54 -3.62 31.41
CA ASP A 390 10.28 -3.39 32.84
C ASP A 390 9.74 -4.64 33.51
N ALA A 391 9.90 -5.81 32.87
CA ALA A 391 9.42 -7.02 33.49
C ALA A 391 10.11 -7.31 34.83
N ASP A 392 9.36 -7.88 35.77
CA ASP A 392 9.93 -8.25 37.06
C ASP A 392 10.59 -9.63 36.96
N VAL A 393 11.79 -9.67 36.37
CA VAL A 393 12.49 -10.88 36.07
C VAL A 393 13.99 -10.57 36.26
N PRO A 394 14.82 -11.58 36.32
CA PRO A 394 16.24 -11.27 36.45
C PRO A 394 16.64 -10.32 35.32
N PRO A 395 17.39 -9.24 35.62
CA PRO A 395 17.47 -8.12 34.68
C PRO A 395 18.19 -8.42 33.35
N GLN A 396 18.96 -9.49 33.30
CA GLN A 396 19.67 -9.82 32.06
C GLN A 396 18.68 -10.28 30.96
N TYR A 397 17.45 -10.58 31.36
CA TYR A 397 16.45 -11.01 30.36
C TYR A 397 15.52 -9.90 29.86
N ARG A 398 15.60 -8.69 30.42
CA ARG A 398 14.67 -7.65 30.09
C ARG A 398 14.91 -7.17 28.68
N GLY A 399 13.82 -6.92 27.96
CA GLY A 399 13.96 -6.34 26.64
C GLY A 399 14.30 -7.33 25.55
N ILE A 400 14.03 -8.61 25.80
CA ILE A 400 14.29 -9.69 24.79
C ILE A 400 12.95 -10.12 24.16
N GLY A 401 12.87 -10.00 22.85
CA GLY A 401 11.72 -10.45 22.05
C GLY A 401 12.22 -11.43 21.03
N ILE A 402 11.73 -12.67 21.10
CA ILE A 402 12.13 -13.75 20.20
C ILE A 402 10.94 -14.47 19.68
N ARG A 403 10.86 -14.65 18.37
CA ARG A 403 9.88 -15.49 17.79
C ARG A 403 10.58 -16.26 16.68
N ILE A 404 10.20 -17.52 16.52
CA ILE A 404 10.69 -18.35 15.41
C ILE A 404 9.45 -18.96 14.76
N GLU A 405 9.30 -18.78 13.45
CA GLU A 405 8.04 -19.14 12.74
C GLU A 405 8.32 -19.76 11.40
N ASP A 406 7.77 -20.94 11.19
CA ASP A 406 7.81 -21.63 9.89
C ASP A 406 6.35 -21.81 9.42
N ASP A 407 6.21 -22.15 8.16
CA ASP A 407 4.91 -22.42 7.48
C ASP A 407 4.91 -23.92 7.12
N ILE A 408 3.85 -24.62 7.51
CA ILE A 408 3.72 -26.03 7.22
C ILE A 408 2.44 -26.41 6.51
N VAL A 409 2.50 -27.54 5.76
CA VAL A 409 1.35 -28.18 5.17
CA VAL A 409 1.30 -28.13 5.23
C VAL A 409 1.11 -29.50 5.89
N ILE A 410 -0.12 -29.73 6.34
CA ILE A 410 -0.45 -31.01 6.93
C ILE A 410 -0.51 -32.02 5.81
N THR A 411 0.12 -33.18 6.02
CA THR A 411 0.15 -34.24 5.01
C THR A 411 -0.53 -35.49 5.57
N ALA A 412 -0.60 -36.56 4.79
CA ALA A 412 -1.25 -37.78 5.24
C ALA A 412 -0.77 -38.24 6.60
N THR A 413 0.53 -38.17 6.86
CA THR A 413 1.08 -38.70 8.08
C THR A 413 1.75 -37.69 9.01
N GLY A 414 1.84 -36.41 8.64
CA GLY A 414 2.62 -35.49 9.49
C GLY A 414 2.45 -34.12 8.92
N ASN A 415 3.57 -33.44 8.68
CA ASN A 415 3.49 -32.17 7.95
C ASN A 415 4.75 -32.00 7.09
N GLU A 416 4.70 -31.09 6.11
CA GLU A 416 5.87 -30.73 5.34
C GLU A 416 6.19 -29.30 5.75
N ASN A 417 7.47 -28.98 6.07
CA ASN A 417 7.82 -27.61 6.43
C ASN A 417 8.26 -26.89 5.15
N LEU A 418 7.57 -25.84 4.82
CA LEU A 418 7.86 -25.07 3.61
C LEU A 418 9.00 -24.07 3.74
N THR A 419 9.44 -23.79 4.98
CA THR A 419 10.37 -22.71 5.22
C THR A 419 11.63 -23.13 6.02
N ALA A 420 11.92 -24.43 6.11
CA ALA A 420 13.09 -24.89 6.87
C ALA A 420 14.40 -24.56 6.20
N SER A 421 14.36 -23.98 4.98
CA SER A 421 15.57 -23.71 4.26
C SER A 421 16.30 -22.44 4.73
N VAL A 422 15.69 -21.66 5.60
CA VAL A 422 16.39 -20.68 6.38
C VAL A 422 16.66 -21.20 7.78
N VAL A 423 17.93 -21.12 8.20
CA VAL A 423 18.34 -21.70 9.48
C VAL A 423 17.57 -21.13 10.70
N LYS A 424 17.44 -21.98 11.71
CA LYS A 424 16.94 -21.57 13.01
C LYS A 424 17.79 -22.03 14.20
N ASP A 425 18.63 -23.05 14.05
CA ASP A 425 19.49 -23.42 15.17
C ASP A 425 20.43 -22.26 15.50
N PRO A 426 20.67 -21.95 16.81
CA PRO A 426 21.40 -20.72 17.10
C PRO A 426 22.89 -20.80 16.67
N ASP A 427 23.45 -21.98 16.71
CA ASP A 427 24.88 -22.16 16.22
C ASP A 427 24.95 -22.10 14.67
N ASP A 428 23.91 -22.59 13.98
CA ASP A 428 23.84 -22.42 12.51
C ASP A 428 23.69 -20.90 12.18
N ILE A 429 22.97 -20.18 13.00
CA ILE A 429 22.80 -18.72 12.77
C ILE A 429 24.16 -18.02 12.91
N GLU A 430 24.87 -18.34 13.98
CA GLU A 430 26.13 -17.67 14.26
C GLU A 430 27.12 -18.03 13.15
N ALA A 431 27.09 -19.28 12.66
CA ALA A 431 28.03 -19.67 11.64
C ALA A 431 27.75 -18.93 10.36
N LEU A 432 26.46 -18.88 9.99
CA LEU A 432 26.04 -18.14 8.81
C LEU A 432 26.47 -16.69 8.89
N MET A 433 26.26 -16.03 10.02
CA MET A 433 26.60 -14.61 10.11
C MET A 433 28.14 -14.40 10.18
N ALA A 434 28.85 -15.35 10.72
CA ALA A 434 30.33 -15.27 10.74
C ALA A 434 30.97 -15.35 9.34
N LEU A 435 30.31 -16.01 8.41
CA LEU A 435 30.80 -16.17 7.04
C LEU A 435 30.81 -14.82 6.36
N ASN A 436 30.12 -13.86 6.96
CA ASN A 436 29.81 -12.58 6.34
C ASN A 436 30.44 -11.38 7.05
N MET B 1 10.33 18.84 10.38
CA MET B 1 10.12 20.29 10.36
C MET B 1 10.25 20.72 11.79
N THR B 2 10.69 21.94 12.02
CA THR B 2 10.81 22.46 13.36
C THR B 2 9.44 22.77 13.92
N GLN B 3 9.37 22.92 15.24
CA GLN B 3 8.18 23.37 15.93
CA GLN B 3 8.13 23.30 15.83
C GLN B 3 7.72 24.69 15.38
N GLN B 4 8.66 25.61 15.14
CA GLN B 4 8.29 26.92 14.65
CA GLN B 4 8.31 26.95 14.63
C GLN B 4 7.66 26.84 13.27
N GLU B 5 8.12 25.88 12.45
CA GLU B 5 7.55 25.79 11.10
C GLU B 5 6.04 25.44 11.19
N TYR B 6 5.75 24.42 11.99
CA TYR B 6 4.34 23.96 12.15
C TYR B 6 3.52 25.03 12.81
N GLN B 7 4.09 25.70 13.81
CA GLN B 7 3.34 26.81 14.45
C GLN B 7 3.10 27.96 13.51
N ASN B 8 4.08 28.31 12.67
CA ASN B 8 3.88 29.31 11.65
C ASN B 8 2.72 28.98 10.73
N ARG B 9 2.64 27.71 10.34
CA ARG B 9 1.59 27.30 9.40
C ARG B 9 0.26 27.40 10.10
N ARG B 10 0.20 26.98 11.35
CA ARG B 10 -1.11 27.02 12.05
C ARG B 10 -1.51 28.45 12.21
N GLN B 11 -0.56 29.30 12.57
CA GLN B 11 -0.86 30.72 12.76
C GLN B 11 -1.22 31.41 11.46
N ALA B 12 -0.61 31.02 10.32
CA ALA B 12 -1.02 31.55 9.04
C ALA B 12 -2.48 31.18 8.70
N LEU B 13 -2.88 29.94 8.97
CA LEU B 13 -4.27 29.55 8.73
C LEU B 13 -5.23 30.35 9.63
N LEU B 14 -4.86 30.42 10.89
CA LEU B 14 -5.62 31.17 11.93
C LEU B 14 -5.80 32.62 11.50
N ALA B 15 -4.78 33.14 10.84
CA ALA B 15 -4.85 34.55 10.37
C ALA B 15 -5.98 34.80 9.34
N LYS B 16 -6.35 33.77 8.60
CA LYS B 16 -7.37 33.86 7.59
C LYS B 16 -8.77 33.72 8.19
N MET B 17 -8.81 33.09 9.37
CA MET B 17 -10.09 32.75 10.02
C MET B 17 -10.72 33.94 10.69
N ALA B 18 -12.05 33.86 10.80
CA ALA B 18 -12.80 34.85 11.56
C ALA B 18 -12.74 34.67 13.06
N PRO B 19 -12.93 35.78 13.79
CA PRO B 19 -13.19 35.61 15.22
C PRO B 19 -14.39 34.71 15.46
N GLY B 20 -14.36 33.89 16.51
CA GLY B 20 -15.51 33.08 16.87
C GLY B 20 -15.63 31.91 15.87
N SER B 21 -14.53 31.31 15.56
CA SER B 21 -14.47 30.20 14.55
C SER B 21 -13.60 29.09 14.99
N ALA B 22 -13.68 27.93 14.30
CA ALA B 22 -12.78 26.84 14.54
C ALA B 22 -12.54 26.05 13.26
N ALA B 23 -11.30 25.70 12.99
CA ALA B 23 -10.98 24.86 11.85
C ALA B 23 -10.72 23.46 12.36
N ILE B 24 -11.18 22.45 11.65
CA ILE B 24 -11.10 21.06 12.06
CA ILE B 24 -11.03 21.07 12.08
C ILE B 24 -10.37 20.32 10.95
N ILE B 25 -9.30 19.59 11.31
CA ILE B 25 -8.48 18.96 10.31
C ILE B 25 -8.34 17.51 10.77
N PHE B 26 -8.70 16.57 9.90
CA PHE B 26 -8.72 15.13 10.24
C PHE B 26 -7.59 14.31 9.66
N ALA B 27 -7.14 13.31 10.45
CA ALA B 27 -6.23 12.35 9.96
C ALA B 27 -6.89 11.41 8.95
N ALA B 28 -6.05 10.83 8.12
CA ALA B 28 -6.48 9.82 7.18
C ALA B 28 -7.01 8.56 7.85
N PRO B 29 -8.08 8.00 7.31
CA PRO B 29 -8.40 6.65 7.75
C PRO B 29 -7.32 5.65 7.38
N GLU B 30 -7.30 4.53 8.07
CA GLU B 30 -6.45 3.42 7.72
C GLU B 30 -7.03 2.76 6.46
N ALA B 31 -6.19 2.07 5.68
CA ALA B 31 -6.65 1.46 4.45
C ALA B 31 -6.41 -0.05 4.52
N THR B 32 -7.48 -0.80 4.40
CA THR B 32 -7.41 -2.26 4.28
C THR B 32 -6.67 -2.65 3.01
N ARG B 33 -5.79 -3.62 3.10
CA ARG B 33 -5.20 -4.17 1.92
C ARG B 33 -5.95 -5.50 1.59
N SER B 34 -5.96 -6.40 2.54
CA SER B 34 -6.85 -7.62 2.47
C SER B 34 -7.18 -8.20 3.82
N ALA B 35 -8.48 -8.48 4.06
CA ALA B 35 -8.94 -9.05 5.30
C ALA B 35 -8.47 -8.16 6.45
N ASP B 36 -7.76 -8.73 7.40
CA ASP B 36 -7.28 -7.92 8.51
C ASP B 36 -5.89 -7.24 8.32
N SER B 37 -5.32 -7.24 7.12
CA SER B 37 -4.04 -6.60 6.89
C SER B 37 -4.29 -5.23 6.25
N GLU B 38 -3.52 -4.25 6.71
CA GLU B 38 -3.63 -2.90 6.24
CA GLU B 38 -3.62 -2.88 6.22
C GLU B 38 -2.37 -2.49 5.45
N TYR B 39 -2.55 -1.53 4.55
CA TYR B 39 -1.44 -0.93 3.83
C TYR B 39 -0.68 -0.09 4.89
N PRO B 40 0.60 0.16 4.65
CA PRO B 40 1.32 0.98 5.56
C PRO B 40 0.69 2.37 5.61
N TYR B 41 0.56 2.89 6.81
CA TYR B 41 -0.23 4.12 6.97
C TYR B 41 0.36 5.30 6.27
N ARG B 42 -0.50 6.09 5.61
CA ARG B 42 -0.05 7.37 4.96
C ARG B 42 -0.97 8.47 5.53
N GLN B 43 -0.40 9.31 6.36
CA GLN B 43 -1.14 10.40 6.97
C GLN B 43 -1.63 11.36 5.88
N ASN B 44 -2.81 11.91 6.12
CA ASN B 44 -3.37 12.97 5.29
C ASN B 44 -2.36 14.11 5.13
N SER B 45 -2.13 14.59 3.91
CA SER B 45 -1.04 15.57 3.68
C SER B 45 -1.30 16.87 4.46
N ASP B 46 -2.51 17.33 4.42
CA ASP B 46 -2.85 18.62 5.13
C ASP B 46 -2.75 18.47 6.66
N PHE B 47 -3.12 17.29 7.18
CA PHE B 47 -3.00 17.02 8.59
C PHE B 47 -1.47 16.96 8.95
N SER B 48 -0.70 16.25 8.16
CA SER B 48 0.74 16.24 8.33
C SER B 48 1.33 17.68 8.27
N TYR B 49 0.87 18.48 7.32
CA TYR B 49 1.37 19.80 7.10
C TYR B 49 1.32 20.59 8.36
N LEU B 50 0.22 20.43 9.12
CA LEU B 50 0.03 21.20 10.35
C LEU B 50 0.59 20.60 11.62
N THR B 51 0.91 19.32 11.61
CA THR B 51 1.29 18.60 12.84
C THR B 51 2.56 17.70 12.79
N GLY B 52 2.90 17.17 11.63
CA GLY B 52 3.86 16.09 11.51
C GLY B 52 3.49 14.85 12.32
N PHE B 53 2.21 14.70 12.68
CA PHE B 53 1.80 13.59 13.50
C PHE B 53 1.25 12.44 12.64
N ASN B 54 1.86 11.26 12.73
CA ASN B 54 1.53 10.24 11.76
CA ASN B 54 1.62 10.17 11.79
C ASN B 54 0.69 9.10 12.32
N GLU B 55 -0.14 9.39 13.30
CA GLU B 55 -1.12 8.41 13.79
C GLU B 55 -2.46 8.62 13.15
N PRO B 56 -3.21 7.54 12.94
CA PRO B 56 -4.59 7.63 12.66
C PRO B 56 -5.39 8.01 13.88
N GLU B 57 -6.67 8.22 13.69
CA GLU B 57 -7.62 8.52 14.76
C GLU B 57 -7.17 9.77 15.51
N ALA B 58 -6.95 10.82 14.74
CA ALA B 58 -6.49 12.04 15.31
C ALA B 58 -7.13 13.19 14.57
N VAL B 59 -7.44 14.26 15.33
CA VAL B 59 -8.13 15.37 14.79
C VAL B 59 -7.59 16.62 15.46
N LEU B 60 -7.25 17.64 14.68
CA LEU B 60 -6.78 18.91 15.19
C LEU B 60 -7.85 19.97 15.04
N ILE B 61 -8.11 20.72 16.12
CA ILE B 61 -9.03 21.80 16.09
C ILE B 61 -8.27 23.06 16.47
N LEU B 62 -8.40 24.07 15.63
CA LEU B 62 -7.80 25.39 15.86
C LEU B 62 -8.92 26.32 16.07
N VAL B 63 -9.02 26.89 17.29
CA VAL B 63 -10.10 27.72 17.70
C VAL B 63 -9.65 29.17 17.78
N LYS B 64 -10.30 30.05 17.02
CA LYS B 64 -9.97 31.46 16.98
C LYS B 64 -11.00 32.23 17.77
N SER B 65 -10.56 32.84 18.84
CA SER B 65 -11.44 33.67 19.63
C SER B 65 -11.45 35.11 19.08
N ASP B 66 -10.27 35.71 18.86
CA ASP B 66 -10.21 37.01 18.26
C ASP B 66 -8.84 37.12 17.61
N GLU B 67 -8.43 38.31 17.23
CA GLU B 67 -7.20 38.42 16.42
C GLU B 67 -5.96 38.22 17.25
N THR B 68 -6.08 38.16 18.56
CA THR B 68 -4.88 37.91 19.40
C THR B 68 -5.00 36.68 20.29
N HIS B 69 -6.11 35.98 20.18
CA HIS B 69 -6.33 34.82 21.00
C HIS B 69 -6.81 33.64 20.18
N ASN B 70 -6.12 32.53 20.34
CA ASN B 70 -6.55 31.30 19.72
C ASN B 70 -6.00 30.18 20.53
N HIS B 71 -6.53 28.98 20.33
CA HIS B 71 -5.99 27.84 21.07
C HIS B 71 -6.28 26.61 20.25
N SER B 72 -5.70 25.49 20.64
CA SER B 72 -5.76 24.26 19.83
C SER B 72 -6.19 23.08 20.70
N VAL B 73 -6.88 22.12 20.09
CA VAL B 73 -7.26 20.90 20.80
C VAL B 73 -7.01 19.78 19.85
N LEU B 74 -6.43 18.71 20.36
CA LEU B 74 -6.15 17.53 19.59
C LEU B 74 -6.98 16.40 20.18
N PHE B 75 -7.61 15.61 19.34
CA PHE B 75 -8.19 14.33 19.72
C PHE B 75 -7.25 13.33 19.20
N ASN B 76 -6.83 12.32 20.01
CA ASN B 76 -5.95 11.32 19.49
C ASN B 76 -6.09 10.03 20.30
N ARG B 77 -5.44 9.00 19.84
CA ARG B 77 -5.57 7.71 20.53
C ARG B 77 -4.98 7.71 21.92
N ILE B 78 -5.70 7.02 22.81
CA ILE B 78 -5.27 6.86 24.20
CA ILE B 78 -5.26 6.84 24.21
C ILE B 78 -4.07 5.90 24.33
N ARG B 79 -3.24 6.12 25.34
CA ARG B 79 -2.25 5.09 25.74
C ARG B 79 -3.02 3.89 26.20
N ASP B 80 -2.51 2.73 25.86
CA ASP B 80 -3.19 1.52 26.24
C ASP B 80 -2.16 0.41 26.16
N LEU B 81 -1.86 -0.19 27.29
CA LEU B 81 -0.73 -1.13 27.39
C LEU B 81 -0.88 -2.28 26.41
N THR B 82 -2.10 -2.79 26.33
CA THR B 82 -2.36 -3.95 25.47
C THR B 82 -2.25 -3.63 23.98
N ALA B 83 -2.96 -2.59 23.50
CA ALA B 83 -2.87 -2.26 22.08
C ALA B 83 -1.41 -1.93 21.74
N GLU B 84 -0.67 -1.38 22.71
CA GLU B 84 0.75 -0.97 22.49
C GLU B 84 1.75 -2.12 22.40
N ILE B 85 1.63 -3.12 23.26
CA ILE B 85 2.35 -4.44 23.07
C ILE B 85 2.06 -5.01 21.69
N TRP B 86 0.82 -4.89 21.24
CA TRP B 86 0.40 -5.48 19.97
C TRP B 86 0.75 -4.69 18.74
N PHE B 87 0.37 -3.40 18.75
CA PHE B 87 0.23 -2.63 17.49
C PHE B 87 1.19 -1.48 17.38
N GLY B 88 1.87 -1.18 18.49
CA GLY B 88 2.92 -0.19 18.48
C GLY B 88 2.62 0.96 19.39
N ARG B 89 3.65 1.73 19.66
CA ARG B 89 3.61 2.78 20.65
C ARG B 89 2.67 3.92 20.21
N ARG B 90 2.05 4.61 21.18
CA ARG B 90 1.15 5.74 20.87
C ARG B 90 1.57 6.90 21.65
N LEU B 91 1.30 8.08 21.11
CA LEU B 91 1.62 9.31 21.82
C LEU B 91 0.79 9.53 23.10
N GLY B 92 -0.55 9.44 23.02
CA GLY B 92 -1.43 9.65 24.16
C GLY B 92 -1.71 11.09 24.47
N GLN B 93 -2.53 11.34 25.50
CA GLN B 93 -2.95 12.68 25.83
C GLN B 93 -1.96 13.45 26.68
N GLU B 94 -1.28 12.75 27.60
CA GLU B 94 -0.35 13.43 28.51
CA GLU B 94 -0.35 13.39 28.50
C GLU B 94 0.81 14.06 27.78
N ALA B 95 1.38 13.35 26.80
CA ALA B 95 2.57 13.80 26.10
C ALA B 95 2.27 14.76 24.95
N ALA B 96 1.03 14.78 24.47
CA ALA B 96 0.71 15.45 23.20
C ALA B 96 0.86 17.00 23.29
N PRO B 97 0.46 17.66 24.41
CA PRO B 97 0.60 19.11 24.33
C PRO B 97 2.00 19.58 24.07
N THR B 98 3.00 18.97 24.71
CA THR B 98 4.37 19.40 24.49
C THR B 98 4.97 18.84 23.22
N LYS B 99 4.63 17.62 22.83
CA LYS B 99 5.18 17.06 21.63
C LYS B 99 4.69 17.85 20.42
N LEU B 100 3.41 18.14 20.38
CA LEU B 100 2.79 18.72 19.15
C LEU B 100 2.47 20.19 19.30
N ALA B 101 2.90 20.77 20.42
CA ALA B 101 2.57 22.18 20.73
C ALA B 101 1.08 22.50 20.54
N VAL B 102 0.24 21.67 21.14
CA VAL B 102 -1.20 21.91 21.23
C VAL B 102 -1.57 22.22 22.67
N ASP B 103 -2.67 22.91 22.90
CA ASP B 103 -3.02 23.38 24.23
C ASP B 103 -3.68 22.29 25.05
N ARG B 104 -4.44 21.42 24.40
CA ARG B 104 -5.22 20.39 25.08
CA ARG B 104 -5.17 20.38 25.08
C ARG B 104 -5.27 19.14 24.22
N ALA B 105 -5.30 17.97 24.82
CA ALA B 105 -5.44 16.71 24.04
C ALA B 105 -6.46 15.83 24.73
N LEU B 106 -7.36 15.21 23.96
CA LEU B 106 -8.53 14.51 24.46
C LEU B 106 -8.52 13.16 23.73
N PRO B 107 -9.10 12.14 24.34
CA PRO B 107 -9.17 10.86 23.64
C PRO B 107 -10.09 10.89 22.43
N PHE B 108 -9.60 10.38 21.32
CA PHE B 108 -10.39 10.29 20.08
C PHE B 108 -11.72 9.61 20.31
N ASP B 109 -11.75 8.56 21.16
CA ASP B 109 -13.00 7.79 21.28
C ASP B 109 -14.13 8.54 21.99
N GLU B 110 -13.81 9.67 22.59
CA GLU B 110 -14.78 10.60 23.16
C GLU B 110 -15.17 11.75 22.19
N ILE B 111 -14.73 11.69 20.95
CA ILE B 111 -14.85 12.87 20.08
C ILE B 111 -16.32 13.26 19.92
N ASN B 112 -17.19 12.25 19.79
CA ASN B 112 -18.58 12.61 19.58
C ASN B 112 -19.28 13.20 20.83
N GLU B 113 -18.73 12.94 22.02
CA GLU B 113 -19.27 13.48 23.28
CA GLU B 113 -19.29 13.48 23.26
C GLU B 113 -18.71 14.86 23.55
N GLN B 114 -17.64 15.21 22.86
CA GLN B 114 -16.93 16.42 23.18
C GLN B 114 -16.92 17.48 22.07
N LEU B 115 -16.88 17.07 20.80
CA LEU B 115 -16.70 18.06 19.75
C LEU B 115 -17.81 19.08 19.70
N TYR B 116 -19.06 18.66 19.82
CA TYR B 116 -20.12 19.62 19.73
C TYR B 116 -20.00 20.72 20.79
N LEU B 117 -19.50 20.38 21.96
CA LEU B 117 -19.32 21.38 23.03
C LEU B 117 -18.28 22.42 22.66
N LEU B 118 -17.25 21.96 21.94
CA LEU B 118 -16.23 22.83 21.41
C LEU B 118 -16.72 23.78 20.34
N LEU B 119 -17.69 23.36 19.54
CA LEU B 119 -18.17 24.19 18.44
C LEU B 119 -19.40 25.02 18.81
N ASN B 120 -19.90 24.83 20.03
CA ASN B 120 -21.09 25.48 20.49
C ASN B 120 -20.98 27.00 20.38
N ARG B 121 -21.94 27.59 19.72
CA ARG B 121 -22.06 29.03 19.57
C ARG B 121 -20.90 29.71 18.88
N LEU B 122 -20.17 29.00 18.07
CA LEU B 122 -19.24 29.65 17.14
C LEU B 122 -20.07 30.18 15.95
N ASP B 123 -19.45 31.08 15.19
CA ASP B 123 -20.02 31.65 14.01
C ASP B 123 -19.75 30.82 12.75
N VAL B 124 -18.53 30.32 12.60
CA VAL B 124 -18.08 29.62 11.43
C VAL B 124 -17.26 28.43 11.84
N ILE B 125 -17.46 27.32 11.14
CA ILE B 125 -16.50 26.23 11.24
CA ILE B 125 -16.56 26.15 11.23
C ILE B 125 -15.89 25.95 9.86
N TYR B 126 -14.62 25.69 9.86
CA TYR B 126 -13.89 25.38 8.63
C TYR B 126 -13.64 23.86 8.61
N HIS B 127 -14.11 23.24 7.55
CA HIS B 127 -14.04 21.79 7.40
C HIS B 127 -13.93 21.46 5.93
N ALA B 128 -13.17 20.41 5.63
CA ALA B 128 -12.98 19.91 4.25
C ALA B 128 -14.07 18.92 3.95
N GLN B 129 -15.21 19.42 3.46
CA GLN B 129 -16.37 18.57 3.23
C GLN B 129 -16.14 17.63 2.07
N GLY B 130 -16.58 16.38 2.24
CA GLY B 130 -16.49 15.35 1.19
C GLY B 130 -15.17 14.62 1.12
N GLN B 131 -14.21 15.03 1.92
CA GLN B 131 -12.90 14.39 1.85
C GLN B 131 -12.96 12.95 2.41
N TYR B 132 -13.40 12.80 3.65
CA TYR B 132 -13.52 11.52 4.27
C TYR B 132 -14.93 11.39 4.84
N ALA B 133 -15.57 10.25 4.59
CA ALA B 133 -16.91 10.02 5.20
C ALA B 133 -16.96 10.06 6.70
N TYR B 134 -15.96 9.45 7.34
CA TYR B 134 -15.97 9.36 8.75
C TYR B 134 -15.91 10.76 9.36
N ALA B 135 -15.14 11.63 8.72
CA ALA B 135 -14.97 13.06 9.23
C ALA B 135 -16.24 13.84 9.03
N ASP B 136 -16.82 13.73 7.84
CA ASP B 136 -18.13 14.34 7.62
C ASP B 136 -19.16 13.91 8.65
N ASN B 137 -19.22 12.62 8.97
CA ASN B 137 -20.24 12.13 9.87
C ASN B 137 -20.01 12.73 11.23
N ILE B 138 -18.75 12.83 11.69
CA ILE B 138 -18.45 13.39 12.97
C ILE B 138 -18.86 14.88 13.04
N VAL B 139 -18.45 15.64 12.06
CA VAL B 139 -18.73 17.07 12.02
C VAL B 139 -20.22 17.29 11.92
N PHE B 140 -20.86 16.59 11.02
CA PHE B 140 -22.29 16.77 10.83
C PHE B 140 -23.13 16.32 12.03
N ALA B 141 -22.73 15.26 12.72
CA ALA B 141 -23.44 14.87 13.92
C ALA B 141 -23.29 15.90 15.01
N ALA B 142 -22.12 16.49 15.13
CA ALA B 142 -21.90 17.54 16.08
C ALA B 142 -22.82 18.75 15.78
N LEU B 143 -22.89 19.18 14.51
CA LEU B 143 -23.68 20.34 14.16
C LEU B 143 -25.18 20.01 14.45
N GLU B 144 -25.58 18.76 14.20
CA GLU B 144 -27.01 18.43 14.44
C GLU B 144 -27.30 18.42 15.94
N LYS B 145 -26.37 17.98 16.81
CA LYS B 145 -26.62 18.11 18.26
C LYS B 145 -26.85 19.54 18.66
N LEU B 146 -26.04 20.43 18.07
CA LEU B 146 -26.17 21.84 18.36
C LEU B 146 -27.50 22.42 17.81
N ARG B 147 -27.89 22.05 16.59
CA ARG B 147 -29.16 22.57 16.00
C ARG B 147 -30.33 22.10 16.85
N HIS B 148 -30.24 20.88 17.37
CA HIS B 148 -31.35 20.31 18.18
C HIS B 148 -31.29 20.58 19.66
N GLY B 149 -30.36 21.44 20.11
CA GLY B 149 -30.05 21.54 21.52
C GLY B 149 -30.45 22.89 22.12
N PHE B 150 -31.42 23.56 21.52
CA PHE B 150 -31.83 24.90 21.99
C PHE B 150 -32.11 24.90 23.49
N ARG B 151 -32.75 23.86 23.99
CA ARG B 151 -33.16 23.78 25.40
CA ARG B 151 -33.16 23.80 25.39
C ARG B 151 -31.97 23.70 26.33
N LYS B 152 -30.83 23.29 25.79
CA LYS B 152 -29.60 23.22 26.55
C LYS B 152 -28.77 24.47 26.28
N ASN B 153 -29.39 25.48 25.66
CA ASN B 153 -28.71 26.70 25.28
C ASN B 153 -27.58 26.48 24.24
N LEU B 154 -27.70 25.42 23.45
CA LEU B 154 -26.72 25.14 22.38
C LEU B 154 -27.16 25.83 21.11
N ARG B 155 -26.20 26.27 20.28
CA ARG B 155 -26.48 26.84 18.98
C ARG B 155 -25.40 26.35 18.02
N ALA B 156 -25.79 26.05 16.78
CA ALA B 156 -24.87 25.59 15.75
C ALA B 156 -24.29 26.80 15.04
N PRO B 157 -22.99 26.75 14.71
CA PRO B 157 -22.55 27.75 13.76
C PRO B 157 -23.32 27.60 12.42
N ALA B 158 -23.66 28.75 11.84
CA ALA B 158 -24.52 28.72 10.68
C ALA B 158 -23.73 28.50 9.39
N THR B 159 -22.40 28.66 9.44
CA THR B 159 -21.59 28.66 8.23
C THR B 159 -20.52 27.61 8.35
N LEU B 160 -20.32 26.86 7.27
CA LEU B 160 -19.26 25.93 7.12
C LEU B 160 -18.48 26.35 5.90
N THR B 161 -17.18 26.58 6.07
CA THR B 161 -16.32 27.06 4.97
C THR B 161 -15.15 26.14 4.81
N ASP B 162 -14.86 25.77 3.58
CA ASP B 162 -13.69 24.97 3.27
C ASP B 162 -12.37 25.68 3.55
N TRP B 163 -11.46 25.07 4.29
CA TRP B 163 -10.13 25.63 4.52
C TRP B 163 -9.12 25.16 3.42
N ARG B 164 -9.53 24.23 2.55
CA ARG B 164 -8.59 23.75 1.53
C ARG B 164 -8.05 24.85 0.62
N PRO B 165 -8.90 25.73 0.11
CA PRO B 165 -8.32 26.76 -0.73
C PRO B 165 -7.17 27.52 -0.05
N TRP B 166 -7.35 27.92 1.20
CA TRP B 166 -6.34 28.66 1.93
C TRP B 166 -5.10 27.83 2.21
N LEU B 167 -5.30 26.59 2.68
CA LEU B 167 -4.16 25.80 3.08
C LEU B 167 -3.37 25.29 1.89
N HIS B 168 -4.08 25.06 0.82
CA HIS B 168 -3.42 24.63 -0.44
C HIS B 168 -2.62 25.77 -1.09
N GLU B 169 -3.13 27.00 -1.02
CA GLU B 169 -2.33 28.14 -1.45
C GLU B 169 -1.07 28.34 -0.59
N MET B 170 -1.14 27.98 0.67
CA MET B 170 0.06 27.94 1.56
C MET B 170 1.04 26.87 1.12
N ARG B 171 0.53 25.67 0.89
CA ARG B 171 1.36 24.59 0.45
C ARG B 171 2.03 24.82 -0.91
N LEU B 172 1.41 25.65 -1.76
CA LEU B 172 1.97 26.01 -3.05
C LEU B 172 3.35 26.69 -2.97
N PHE B 173 3.58 27.44 -1.90
CA PHE B 173 4.82 28.20 -1.68
C PHE B 173 5.59 27.49 -0.62
N LYS B 174 6.72 26.90 -1.02
CA LYS B 174 7.56 26.13 -0.12
C LYS B 174 8.51 27.01 0.68
N SER B 175 8.68 26.67 1.96
CA SER B 175 9.61 27.34 2.81
C SER B 175 10.99 26.79 2.57
N ALA B 176 11.97 27.42 3.21
CA ALA B 176 13.35 26.87 3.11
C ALA B 176 13.41 25.44 3.70
N GLU B 177 12.74 25.18 4.83
CA GLU B 177 12.77 23.84 5.45
C GLU B 177 12.14 22.82 4.47
N GLU B 178 11.07 23.21 3.76
CA GLU B 178 10.47 22.29 2.82
C GLU B 178 11.33 22.06 1.60
N ILE B 179 11.93 23.12 1.07
CA ILE B 179 12.85 22.99 -0.05
CA ILE B 179 12.85 22.97 -0.05
C ILE B 179 13.99 21.99 0.26
N ALA B 180 14.53 22.08 1.49
CA ALA B 180 15.58 21.16 1.92
C ALA B 180 15.18 19.69 1.88
N VAL B 181 13.96 19.39 2.29
CA VAL B 181 13.45 18.03 2.22
C VAL B 181 13.26 17.62 0.79
N LEU B 182 12.67 18.52 -0.04
CA LEU B 182 12.42 18.20 -1.44
C LEU B 182 13.77 18.02 -2.22
N ARG B 183 14.76 18.80 -1.82
CA ARG B 183 16.12 18.59 -2.36
C ARG B 183 16.61 17.18 -2.15
N ARG B 184 16.51 16.70 -0.93
CA ARG B 184 16.92 15.35 -0.59
C ARG B 184 16.06 14.32 -1.29
N ALA B 185 14.72 14.53 -1.36
CA ALA B 185 13.90 13.58 -2.09
C ALA B 185 14.38 13.51 -3.56
N GLY B 186 14.71 14.64 -4.15
CA GLY B 186 15.17 14.68 -5.52
C GLY B 186 16.49 13.96 -5.70
N GLU B 187 17.37 14.12 -4.73
CA GLU B 187 18.67 13.44 -4.81
CA GLU B 187 18.69 13.44 -4.74
C GLU B 187 18.53 11.91 -4.64
N ILE B 188 17.69 11.48 -3.72
CA ILE B 188 17.44 10.07 -3.53
C ILE B 188 16.82 9.46 -4.80
N SER B 189 15.82 10.15 -5.38
CA SER B 189 15.17 9.71 -6.59
C SER B 189 16.18 9.62 -7.73
N ALA B 190 17.04 10.62 -7.85
CA ALA B 190 18.12 10.57 -8.90
C ALA B 190 19.06 9.44 -8.72
N LEU B 191 19.46 9.18 -7.49
CA LEU B 191 20.38 8.06 -7.26
C LEU B 191 19.77 6.74 -7.69
N ALA B 192 18.48 6.59 -7.41
CA ALA B 192 17.72 5.39 -7.80
C ALA B 192 17.67 5.24 -9.34
N HIS B 193 17.44 6.32 -10.08
CA HIS B 193 17.36 6.31 -11.51
C HIS B 193 18.70 6.01 -12.15
N THR B 194 19.75 6.51 -11.53
CA THR B 194 21.13 6.19 -12.01
C THR B 194 21.35 4.68 -11.84
N ARG B 195 20.95 4.18 -10.68
CA ARG B 195 21.11 2.76 -10.41
C ARG B 195 20.36 1.95 -11.43
N ALA B 196 19.09 2.35 -11.75
CA ALA B 196 18.38 1.53 -12.75
C ALA B 196 19.09 1.45 -14.11
N MET B 197 19.64 2.59 -14.54
CA MET B 197 20.42 2.62 -15.79
C MET B 197 21.64 1.72 -15.69
N GLU B 198 22.28 1.73 -14.54
CA GLU B 198 23.47 0.89 -14.35
C GLU B 198 23.15 -0.59 -14.30
N LYS B 199 21.95 -0.96 -13.86
CA LYS B 199 21.61 -2.39 -13.63
C LYS B 199 20.86 -3.00 -14.77
N CYS B 200 20.25 -2.19 -15.63
CA CYS B 200 19.38 -2.73 -16.66
C CYS B 200 20.12 -3.60 -17.68
N ARG B 201 19.55 -4.75 -18.01
CA ARG B 201 20.13 -5.71 -18.95
C ARG B 201 18.97 -6.35 -19.70
N PRO B 202 19.18 -6.68 -20.97
CA PRO B 202 18.14 -7.44 -21.65
C PRO B 202 17.85 -8.73 -20.90
N GLY B 203 16.60 -9.13 -20.86
CA GLY B 203 16.27 -10.35 -20.15
C GLY B 203 15.78 -10.13 -18.75
N MET B 204 16.17 -9.03 -18.12
CA MET B 204 15.59 -8.65 -16.82
CA MET B 204 15.61 -8.60 -16.84
C MET B 204 14.13 -8.31 -16.99
N PHE B 205 13.35 -8.47 -15.92
CA PHE B 205 11.94 -8.14 -15.94
C PHE B 205 11.76 -6.69 -15.44
N GLU B 206 10.72 -6.06 -15.91
CA GLU B 206 10.45 -4.65 -15.56
C GLU B 206 10.37 -4.51 -14.03
N TYR B 207 9.74 -5.46 -13.35
CA TYR B 207 9.62 -5.45 -11.88
C TYR B 207 10.99 -5.61 -11.18
N GLN B 208 11.97 -6.21 -11.82
CA GLN B 208 13.32 -6.30 -11.24
C GLN B 208 13.95 -4.94 -11.23
N LEU B 209 13.70 -4.10 -12.25
CA LEU B 209 14.23 -2.77 -12.18
C LEU B 209 13.54 -1.93 -11.17
N GLU B 210 12.21 -2.05 -11.07
CA GLU B 210 11.47 -1.41 -9.99
C GLU B 210 12.11 -1.80 -8.64
N GLY B 211 12.43 -3.07 -8.45
CA GLY B 211 13.09 -3.51 -7.20
C GLY B 211 14.42 -2.83 -6.91
N GLU B 212 15.18 -2.55 -7.95
CA GLU B 212 16.41 -1.82 -7.76
C GLU B 212 16.12 -0.40 -7.25
N ILE B 213 15.10 0.22 -7.82
CA ILE B 213 14.78 1.58 -7.49
C ILE B 213 14.30 1.65 -6.04
N LEU B 214 13.39 0.76 -5.66
CA LEU B 214 12.78 0.79 -4.36
C LEU B 214 13.83 0.45 -3.29
N HIS B 215 14.79 -0.39 -3.61
CA HIS B 215 15.84 -0.73 -2.66
C HIS B 215 16.70 0.52 -2.38
N GLU B 216 16.99 1.27 -3.45
CA GLU B 216 17.72 2.53 -3.32
C GLU B 216 16.99 3.56 -2.51
N PHE B 217 15.67 3.74 -2.72
CA PHE B 217 14.90 4.63 -1.90
C PHE B 217 15.07 4.24 -0.43
N THR B 218 14.91 2.95 -0.14
CA THR B 218 14.89 2.48 1.24
C THR B 218 16.25 2.66 1.93
N ARG B 219 17.37 2.51 1.22
CA ARG B 219 18.71 2.69 1.79
C ARG B 219 18.80 4.07 2.44
N HIS B 220 18.21 5.07 1.76
CA HIS B 220 18.33 6.48 2.14
C HIS B 220 17.19 6.96 3.03
N GLY B 221 16.39 6.03 3.56
CA GLY B 221 15.37 6.39 4.55
C GLY B 221 14.10 6.88 3.92
N ALA B 222 13.90 6.52 2.66
CA ALA B 222 12.58 6.74 2.04
C ALA B 222 11.95 5.38 1.75
N ARG B 223 11.22 4.86 2.71
CA ARG B 223 10.75 3.50 2.61
C ARG B 223 9.76 3.32 1.52
N TYR B 224 9.01 4.35 1.22
CA TYR B 224 7.91 4.22 0.30
C TYR B 224 8.07 5.14 -0.90
N PRO B 225 7.69 4.69 -2.09
CA PRO B 225 7.57 5.61 -3.21
C PRO B 225 6.45 6.56 -3.09
N ALA B 226 6.56 7.69 -3.78
CA ALA B 226 5.52 8.70 -3.74
C ALA B 226 4.28 8.31 -4.61
N TYR B 227 4.43 7.29 -5.45
CA TYR B 227 3.42 6.84 -6.36
C TYR B 227 3.93 5.54 -6.93
N ASN B 228 3.05 4.76 -7.54
CA ASN B 228 3.44 3.43 -8.04
C ASN B 228 4.36 3.59 -9.24
N THR B 229 5.51 2.95 -9.15
CA THR B 229 6.60 3.13 -10.11
C THR B 229 6.18 2.55 -11.49
N ILE B 230 6.47 3.29 -12.57
CA ILE B 230 6.27 2.88 -13.95
CA ILE B 230 6.27 2.87 -13.95
C ILE B 230 7.60 2.41 -14.51
N VAL B 231 7.63 1.18 -15.01
CA VAL B 231 8.77 0.60 -15.71
C VAL B 231 8.22 -0.03 -17.02
N GLY B 232 8.19 0.79 -18.06
CA GLY B 232 7.46 0.53 -19.28
C GLY B 232 8.47 0.30 -20.40
N GLY B 233 8.74 -0.98 -20.66
CA GLY B 233 9.60 -1.34 -21.81
C GLY B 233 8.82 -1.44 -23.10
N GLY B 234 9.41 -0.96 -24.20
CA GLY B 234 8.82 -1.08 -25.50
C GLY B 234 7.44 -0.47 -25.60
N GLU B 235 6.48 -1.23 -26.04
CA GLU B 235 5.12 -0.68 -26.26
C GLU B 235 4.53 -0.29 -24.91
N ASN B 236 4.98 -0.94 -23.83
CA ASN B 236 4.51 -0.55 -22.49
C ASN B 236 4.84 0.90 -22.13
N GLY B 237 5.95 1.43 -22.66
CA GLY B 237 6.25 2.85 -22.42
C GLY B 237 5.30 3.86 -23.06
N CYS B 238 4.45 3.38 -23.98
CA CYS B 238 3.41 4.25 -24.56
C CYS B 238 2.13 4.35 -23.70
N ILE B 239 2.10 3.64 -22.58
CA ILE B 239 0.98 3.71 -21.59
C ILE B 239 1.43 4.57 -20.45
N LEU B 240 0.77 5.70 -20.28
CA LEU B 240 1.25 6.68 -19.32
C LEU B 240 1.37 6.21 -17.85
N HIS B 241 0.39 5.45 -17.37
CA HIS B 241 0.47 4.90 -16.01
C HIS B 241 0.67 3.38 -15.99
N TYR B 242 1.47 2.86 -16.91
CA TYR B 242 1.84 1.47 -16.89
C TYR B 242 2.54 1.09 -15.55
N THR B 243 1.83 0.39 -14.68
CA THR B 243 2.48 -0.09 -13.45
C THR B 243 2.48 -1.59 -13.30
N GLU B 244 2.02 -2.34 -14.30
CA GLU B 244 2.02 -3.80 -14.18
CA GLU B 244 2.02 -3.81 -14.18
C GLU B 244 3.46 -4.32 -14.08
N ASN B 245 4.35 -3.68 -14.83
CA ASN B 245 5.80 -3.99 -14.75
C ASN B 245 6.07 -5.46 -14.79
N GLU B 246 5.30 -6.13 -15.62
CA GLU B 246 5.33 -7.61 -15.63
C GLU B 246 6.08 -8.25 -16.81
N CYS B 247 6.64 -7.44 -17.70
CA CYS B 247 7.20 -7.94 -18.95
C CYS B 247 8.71 -8.02 -18.91
N GLU B 248 9.21 -8.99 -19.66
CA GLU B 248 10.63 -9.02 -19.95
C GLU B 248 11.10 -7.75 -20.69
N LEU B 249 12.27 -7.25 -20.30
CA LEU B 249 12.87 -6.11 -20.94
C LEU B 249 13.65 -6.66 -22.17
N ARG B 250 13.31 -6.15 -23.32
CA ARG B 250 13.81 -6.73 -24.60
C ARG B 250 14.96 -5.97 -25.21
N ASP B 251 15.96 -6.72 -25.68
CA ASP B 251 17.06 -6.17 -26.46
CA ASP B 251 17.06 -6.15 -26.43
C ASP B 251 16.45 -5.40 -27.61
N GLY B 252 16.76 -4.11 -27.74
CA GLY B 252 16.23 -3.32 -28.84
C GLY B 252 15.13 -2.37 -28.49
N ASP B 253 14.52 -2.55 -27.31
CA ASP B 253 13.50 -1.65 -26.83
C ASP B 253 14.09 -0.56 -25.92
N LEU B 254 13.36 0.55 -25.84
CA LEU B 254 13.58 1.51 -24.75
C LEU B 254 12.82 1.04 -23.51
N VAL B 255 13.23 1.58 -22.36
CA VAL B 255 12.45 1.41 -21.14
C VAL B 255 12.27 2.80 -20.59
N LEU B 256 11.04 3.11 -20.22
CA LEU B 256 10.69 4.40 -19.59
C LEU B 256 10.41 4.16 -18.12
N ILE B 257 11.12 4.84 -17.23
CA ILE B 257 10.96 4.64 -15.79
C ILE B 257 10.54 5.94 -15.20
N ASP B 258 9.39 5.94 -14.52
CA ASP B 258 8.95 7.09 -13.82
C ASP B 258 8.86 6.65 -12.38
N ALA B 259 9.73 7.20 -11.55
CA ALA B 259 9.84 6.79 -10.15
C ALA B 259 10.26 7.94 -9.31
N GLY B 260 9.69 8.01 -8.08
CA GLY B 260 10.15 9.02 -7.13
C GLY B 260 9.77 8.60 -5.72
N CYS B 261 10.67 8.90 -4.78
CA CYS B 261 10.50 8.48 -3.41
C CYS B 261 9.62 9.46 -2.66
N GLU B 262 9.01 8.97 -1.57
CA GLU B 262 8.39 9.88 -0.58
C GLU B 262 9.34 9.97 0.60
N TYR B 263 9.92 11.15 0.80
CA TYR B 263 10.97 11.32 1.78
C TYR B 263 10.48 12.30 2.79
N ARG B 264 10.32 11.83 4.01
CA ARG B 264 9.71 12.72 5.07
C ARG B 264 8.50 13.48 4.64
N GLY B 265 7.60 12.78 3.96
CA GLY B 265 6.30 13.35 3.54
C GLY B 265 6.35 14.17 2.26
N TYR B 266 7.49 14.26 1.55
CA TYR B 266 7.55 15.08 0.32
C TYR B 266 7.99 14.18 -0.83
N ALA B 267 7.49 14.43 -2.03
CA ALA B 267 7.70 13.59 -3.20
C ALA B 267 8.81 14.09 -4.11
N GLY B 268 9.63 13.16 -4.58
CA GLY B 268 10.38 13.28 -5.83
C GLY B 268 9.52 12.74 -6.96
N ASP B 269 9.86 13.08 -8.19
CA ASP B 269 9.15 12.59 -9.36
C ASP B 269 10.07 12.77 -10.57
N ILE B 270 10.76 11.72 -10.92
CA ILE B 270 11.69 11.72 -12.03
C ILE B 270 11.24 10.71 -13.10
N THR B 271 11.36 11.07 -14.36
CA THR B 271 11.26 10.09 -15.44
C THR B 271 12.56 10.12 -16.26
N ARG B 272 13.05 8.96 -16.59
CA ARG B 272 14.15 8.85 -17.54
C ARG B 272 13.75 7.73 -18.47
N THR B 273 14.12 7.86 -19.76
CA THR B 273 13.92 6.76 -20.70
C THR B 273 15.28 6.44 -21.33
N PHE B 274 15.59 5.16 -21.51
CA PHE B 274 16.88 4.74 -21.98
C PHE B 274 16.81 3.37 -22.67
N PRO B 275 17.80 3.09 -23.54
CA PRO B 275 17.72 1.81 -24.22
C PRO B 275 18.06 0.62 -23.33
N VAL B 276 17.22 -0.38 -23.31
CA VAL B 276 17.47 -1.62 -22.51
C VAL B 276 18.87 -2.14 -22.73
N ASN B 277 19.29 -2.18 -23.98
CA ASN B 277 20.59 -2.72 -24.31
C ASN B 277 21.75 -1.74 -24.29
N GLY B 278 21.52 -0.52 -23.83
CA GLY B 278 22.58 0.48 -23.73
C GLY B 278 22.93 1.30 -24.98
N LYS B 279 22.26 1.07 -26.08
CA LYS B 279 22.46 1.85 -27.31
C LYS B 279 21.15 2.24 -27.98
N PHE B 280 20.87 3.53 -28.11
CA PHE B 280 19.67 4.00 -28.75
C PHE B 280 19.75 3.59 -30.22
N THR B 281 18.66 3.07 -30.80
CA THR B 281 18.65 2.90 -32.27
C THR B 281 18.52 4.31 -32.90
N PRO B 282 18.68 4.40 -34.23
CA PRO B 282 18.50 5.75 -34.79
C PRO B 282 17.13 6.38 -34.61
N ALA B 283 16.10 5.57 -34.73
CA ALA B 283 14.76 6.08 -34.58
C ALA B 283 14.50 6.52 -33.12
N GLN B 284 14.99 5.72 -32.18
CA GLN B 284 14.86 6.00 -30.73
C GLN B 284 15.57 7.28 -30.41
N ARG B 285 16.80 7.45 -30.89
CA ARG B 285 17.59 8.65 -30.59
CA ARG B 285 17.59 8.65 -30.60
C ARG B 285 16.93 9.86 -31.20
N ALA B 286 16.33 9.71 -32.36
CA ALA B 286 15.73 10.83 -33.02
C ALA B 286 14.49 11.37 -32.25
N VAL B 287 13.66 10.46 -31.77
CA VAL B 287 12.47 10.89 -30.96
C VAL B 287 13.00 11.46 -29.64
N TYR B 288 13.98 10.77 -29.08
CA TYR B 288 14.60 11.21 -27.81
C TYR B 288 15.12 12.62 -27.89
N ASP B 289 15.88 12.91 -28.96
CA ASP B 289 16.39 14.24 -29.14
C ASP B 289 15.37 15.38 -29.14
N ILE B 290 14.15 15.12 -29.62
CA ILE B 290 13.09 16.13 -29.59
C ILE B 290 12.65 16.35 -28.14
N VAL B 291 12.45 15.25 -27.43
CA VAL B 291 12.05 15.35 -26.00
C VAL B 291 13.11 16.04 -25.20
N LEU B 292 14.38 15.73 -25.48
CA LEU B 292 15.46 16.38 -24.75
C LEU B 292 15.50 17.86 -25.09
N ALA B 293 15.35 18.19 -26.36
CA ALA B 293 15.31 19.62 -26.73
C ALA B 293 14.21 20.33 -25.95
N ALA B 294 13.05 19.67 -25.85
CA ALA B 294 11.90 20.25 -25.12
C ALA B 294 12.20 20.54 -23.67
N ILE B 295 12.70 19.52 -22.97
CA ILE B 295 13.05 19.70 -21.55
C ILE B 295 14.14 20.75 -21.35
N ASN B 296 15.16 20.71 -22.20
CA ASN B 296 16.17 21.72 -22.01
C ASN B 296 15.68 23.16 -22.25
N LYS B 297 14.87 23.35 -23.29
CA LYS B 297 14.23 24.67 -23.53
C LYS B 297 13.43 25.08 -22.28
N SER B 298 12.65 24.12 -21.79
CA SER B 298 11.80 24.37 -20.60
C SER B 298 12.62 24.79 -19.40
N LEU B 299 13.74 24.11 -19.16
CA LEU B 299 14.60 24.42 -18.04
C LEU B 299 15.28 25.78 -18.16
N THR B 300 15.57 26.20 -19.38
CA THR B 300 16.05 27.55 -19.58
CA THR B 300 16.07 27.56 -19.58
C THR B 300 15.00 28.63 -19.32
N LEU B 301 13.75 28.33 -19.68
CA LEU B 301 12.69 29.30 -19.61
C LEU B 301 12.02 29.45 -18.24
N PHE B 302 11.84 28.36 -17.46
CA PHE B 302 11.07 28.49 -16.22
C PHE B 302 11.75 29.46 -15.25
N ARG B 303 10.97 30.43 -14.83
CA ARG B 303 11.41 31.54 -14.02
C ARG B 303 10.20 32.32 -13.53
N PRO B 304 10.41 33.19 -12.54
CA PRO B 304 9.30 34.05 -12.13
C PRO B 304 8.81 34.90 -13.30
N GLY B 305 7.51 34.96 -13.47
CA GLY B 305 6.86 35.83 -14.45
C GLY B 305 6.38 35.16 -15.68
N THR B 306 6.85 33.93 -15.94
CA THR B 306 6.29 33.14 -17.04
C THR B 306 5.22 32.21 -16.44
N SER B 307 4.76 31.24 -17.22
CA SER B 307 3.74 30.31 -16.77
C SER B 307 3.92 29.00 -17.46
N ILE B 308 3.30 27.95 -16.89
CA ILE B 308 3.33 26.66 -17.51
C ILE B 308 2.76 26.77 -18.94
N ARG B 309 1.64 27.52 -19.08
CA ARG B 309 1.05 27.75 -20.40
C ARG B 309 2.06 28.28 -21.45
N GLU B 310 2.77 29.32 -21.07
CA GLU B 310 3.72 29.98 -21.96
C GLU B 310 4.89 29.10 -22.31
N VAL B 311 5.44 28.37 -21.35
CA VAL B 311 6.57 27.51 -21.68
C VAL B 311 6.05 26.36 -22.53
N THR B 312 4.82 25.88 -22.28
CA THR B 312 4.27 24.83 -23.09
C THR B 312 4.19 25.18 -24.60
N GLU B 313 3.92 26.44 -24.93
CA GLU B 313 3.88 26.84 -26.35
C GLU B 313 5.21 26.60 -27.04
N GLU B 314 6.28 26.88 -26.32
CA GLU B 314 7.66 26.65 -26.86
C GLU B 314 8.00 25.20 -27.03
N VAL B 315 7.57 24.39 -26.10
CA VAL B 315 7.67 22.94 -26.26
C VAL B 315 6.89 22.38 -27.44
N VAL B 316 5.64 22.84 -27.58
CA VAL B 316 4.82 22.37 -28.69
C VAL B 316 5.49 22.71 -30.02
N ARG B 317 6.06 23.89 -30.12
CA ARG B 317 6.73 24.26 -31.36
C ARG B 317 7.85 23.30 -31.66
N ILE B 318 8.68 23.01 -30.65
CA ILE B 318 9.80 22.09 -30.80
C ILE B 318 9.35 20.68 -31.25
N MET B 319 8.29 20.21 -30.61
CA MET B 319 7.68 18.94 -30.96
C MET B 319 7.17 18.88 -32.39
N VAL B 320 6.42 19.89 -32.79
CA VAL B 320 5.81 19.87 -34.11
C VAL B 320 6.88 19.89 -35.19
N VAL B 321 7.84 20.78 -35.04
CA VAL B 321 9.00 20.86 -35.96
C VAL B 321 9.68 19.54 -36.05
N GLY B 322 9.94 18.89 -34.90
CA GLY B 322 10.72 17.67 -34.92
C GLY B 322 9.92 16.53 -35.51
N LEU B 323 8.63 16.47 -35.21
CA LEU B 323 7.79 15.40 -35.76
C LEU B 323 7.61 15.48 -37.30
N VAL B 324 7.59 16.71 -37.80
CA VAL B 324 7.55 16.91 -39.27
C VAL B 324 8.84 16.40 -39.87
N GLU B 325 9.98 16.74 -39.25
CA GLU B 325 11.26 16.24 -39.72
C GLU B 325 11.33 14.72 -39.79
N LEU B 326 10.71 14.04 -38.84
CA LEU B 326 10.74 12.58 -38.82
C LEU B 326 9.66 11.95 -39.71
N GLY B 327 8.78 12.76 -40.25
CA GLY B 327 7.69 12.26 -41.12
C GLY B 327 6.48 11.72 -40.38
N ILE B 328 6.43 12.05 -39.08
CA ILE B 328 5.34 11.61 -38.21
CA ILE B 328 5.35 11.63 -38.18
C ILE B 328 4.15 12.53 -38.41
N LEU B 329 4.45 13.80 -38.63
CA LEU B 329 3.48 14.77 -39.03
C LEU B 329 3.85 15.26 -40.45
N LYS B 330 2.90 15.90 -41.12
CA LYS B 330 3.21 16.58 -42.37
CA LYS B 330 3.16 16.54 -42.41
C LYS B 330 2.43 17.88 -42.49
N GLY B 331 3.01 18.82 -43.21
CA GLY B 331 2.32 20.07 -43.48
C GLY B 331 3.01 21.27 -42.93
N ASP B 332 2.30 22.39 -42.95
CA ASP B 332 2.87 23.65 -42.54
C ASP B 332 2.94 23.67 -41.01
N ILE B 333 4.10 24.06 -40.47
CA ILE B 333 4.34 24.09 -39.00
C ILE B 333 3.27 24.90 -38.27
N GLU B 334 3.00 26.14 -38.71
CA GLU B 334 2.03 27.00 -37.97
C GLU B 334 0.61 26.46 -37.99
N GLN B 335 0.22 25.93 -39.11
CA GLN B 335 -1.08 25.31 -39.24
C GLN B 335 -1.15 24.07 -38.29
N LEU B 336 -0.10 23.26 -38.30
CA LEU B 336 -0.04 22.07 -37.43
C LEU B 336 -0.09 22.46 -35.93
N ILE B 337 0.55 23.58 -35.60
CA ILE B 337 0.49 24.14 -34.24
C ILE B 337 -0.90 24.61 -33.85
N ALA B 338 -1.53 25.39 -34.74
CA ALA B 338 -2.91 25.79 -34.53
C ALA B 338 -3.84 24.61 -34.44
N GLU B 339 -3.59 23.54 -35.19
CA GLU B 339 -4.45 22.38 -35.14
C GLU B 339 -4.04 21.48 -33.94
N GLN B 340 -3.07 21.89 -33.14
CA GLN B 340 -2.56 21.04 -32.02
C GLN B 340 -2.30 19.61 -32.51
N ALA B 341 -1.59 19.48 -33.64
CA ALA B 341 -1.39 18.18 -34.28
C ALA B 341 -0.44 17.30 -33.50
N HIS B 342 0.22 17.87 -32.50
CA HIS B 342 1.15 17.08 -31.61
C HIS B 342 0.37 16.21 -30.63
N ARG B 343 -0.91 16.52 -30.39
CA ARG B 343 -1.66 15.92 -29.30
C ARG B 343 -1.74 14.39 -29.30
N PRO B 344 -1.74 13.73 -30.48
CA PRO B 344 -1.78 12.25 -30.42
C PRO B 344 -0.50 11.62 -29.81
N PHE B 345 0.56 12.41 -29.82
CA PHE B 345 1.86 11.97 -29.36
C PHE B 345 2.32 12.61 -28.05
N PHE B 346 1.83 13.81 -27.75
CA PHE B 346 2.08 14.45 -26.47
C PHE B 346 0.75 14.89 -25.91
N MET B 347 0.20 14.06 -25.06
CA MET B 347 -1.24 14.22 -24.68
C MET B 347 -1.45 14.68 -23.24
N HIS B 348 -0.38 15.01 -22.53
CA HIS B 348 -0.54 15.40 -21.13
C HIS B 348 0.12 16.74 -20.91
N GLY B 349 0.05 17.25 -19.69
CA GLY B 349 0.65 18.54 -19.41
C GLY B 349 2.18 18.48 -19.28
N LEU B 350 2.77 19.64 -19.46
CA LEU B 350 4.24 19.79 -19.30
C LEU B 350 4.71 19.73 -17.85
N SER B 351 3.86 20.19 -16.94
CA SER B 351 4.27 20.45 -15.56
C SER B 351 3.07 20.30 -14.63
N HIS B 352 3.30 19.74 -13.45
CA HIS B 352 2.35 19.84 -12.34
C HIS B 352 3.11 20.31 -11.07
N TRP B 353 2.39 20.90 -10.12
CA TRP B 353 2.98 21.25 -8.87
C TRP B 353 3.45 19.97 -8.16
N LEU B 354 4.45 20.11 -7.29
CA LEU B 354 5.09 19.01 -6.56
C LEU B 354 5.26 19.40 -5.10
N GLY B 355 5.04 18.46 -4.20
CA GLY B 355 5.10 18.78 -2.80
C GLY B 355 4.86 17.58 -1.93
N MET B 356 3.95 17.75 -0.98
CA MET B 356 3.62 16.60 -0.14
C MET B 356 2.82 15.59 -0.90
N ASP B 357 2.14 16.00 -1.97
CA ASP B 357 1.61 15.08 -2.95
C ASP B 357 2.35 15.20 -4.28
N VAL B 358 2.45 14.10 -5.02
CA VAL B 358 3.14 14.17 -6.32
C VAL B 358 2.41 15.07 -7.28
N HIS B 359 1.08 14.95 -7.39
CA HIS B 359 0.33 15.96 -8.10
C HIS B 359 -0.11 16.94 -7.03
N ASP B 360 0.71 17.93 -6.76
CA ASP B 360 0.52 18.72 -5.56
C ASP B 360 -0.66 19.67 -5.67
N VAL B 361 -1.17 20.03 -4.51
CA VAL B 361 -2.23 21.01 -4.40
C VAL B 361 -1.74 22.35 -4.91
N GLY B 362 -2.71 23.23 -5.16
CA GLY B 362 -2.47 24.61 -5.56
C GLY B 362 -3.20 25.03 -6.84
N ASP B 363 -3.55 26.29 -6.90
CA ASP B 363 -4.39 26.79 -8.00
C ASP B 363 -3.56 27.11 -9.23
N TYR B 364 -3.80 26.37 -10.31
CA TYR B 364 -3.12 26.61 -11.59
C TYR B 364 -3.73 27.82 -12.32
N GLY B 365 -4.79 28.42 -11.79
CA GLY B 365 -5.42 29.58 -12.40
C GLY B 365 -6.56 29.16 -13.26
N SER B 366 -6.29 28.27 -14.20
CA SER B 366 -7.32 27.65 -15.00
C SER B 366 -6.76 26.34 -15.60
N SER B 367 -7.57 25.62 -16.38
CA SER B 367 -7.15 24.32 -16.97
C SER B 367 -5.94 24.46 -17.95
N ASP B 368 -5.69 25.68 -18.46
CA ASP B 368 -4.49 25.91 -19.28
CA ASP B 368 -4.50 25.92 -19.28
C ASP B 368 -3.25 26.32 -18.46
N ARG B 369 -3.39 26.42 -17.13
CA ARG B 369 -2.24 26.61 -16.21
C ARG B 369 -1.45 27.88 -16.53
N GLY B 370 -2.19 28.97 -16.60
CA GLY B 370 -1.62 30.29 -16.85
C GLY B 370 -1.17 31.02 -15.58
N ARG B 371 -1.27 30.39 -14.42
CA ARG B 371 -0.76 30.99 -13.19
C ARG B 371 0.67 31.52 -13.35
N ILE B 372 0.87 32.78 -12.96
CA ILE B 372 2.20 33.36 -13.01
C ILE B 372 3.08 32.75 -11.94
N LEU B 373 4.25 32.28 -12.37
CA LEU B 373 5.21 31.61 -11.48
C LEU B 373 5.88 32.64 -10.59
N GLU B 374 6.14 32.22 -9.37
CA GLU B 374 6.78 33.00 -8.34
C GLU B 374 7.77 32.15 -7.54
N PRO B 375 8.75 32.80 -6.90
CA PRO B 375 9.70 32.03 -6.14
C PRO B 375 9.05 31.21 -5.04
N GLY B 376 9.55 29.98 -4.90
CA GLY B 376 9.05 29.04 -3.94
C GLY B 376 8.10 27.98 -4.46
N MET B 377 7.55 28.20 -5.66
CA MET B 377 6.76 27.17 -6.29
C MET B 377 7.67 26.03 -6.75
N VAL B 378 7.15 24.80 -6.62
CA VAL B 378 7.92 23.61 -7.01
C VAL B 378 7.08 22.82 -7.98
N LEU B 379 7.63 22.41 -9.11
CA LEU B 379 6.91 21.81 -10.20
C LEU B 379 7.76 20.86 -10.98
N THR B 380 7.10 19.97 -11.69
CA THR B 380 7.80 19.08 -12.61
C THR B 380 7.88 19.69 -13.99
N VAL B 381 8.80 19.13 -14.78
CA VAL B 381 8.98 19.53 -16.15
C VAL B 381 9.15 18.21 -16.92
N GLU B 382 8.13 17.85 -17.69
CA GLU B 382 7.99 16.49 -18.14
C GLU B 382 7.47 16.31 -19.57
N PRO B 383 8.23 16.83 -20.54
CA PRO B 383 7.78 16.58 -21.88
C PRO B 383 7.91 15.11 -22.24
N GLY B 384 7.09 14.64 -23.19
CA GLY B 384 7.23 13.26 -23.67
C GLY B 384 6.62 13.15 -25.08
N LEU B 385 6.94 12.03 -25.74
CA LEU B 385 6.37 11.61 -27.02
C LEU B 385 6.13 10.14 -26.97
N TYR B 386 4.90 9.73 -27.37
CA TYR B 386 4.43 8.36 -27.28
C TYR B 386 3.86 8.01 -28.64
N ILE B 387 4.48 7.07 -29.32
CA ILE B 387 4.07 6.73 -30.70
C ILE B 387 3.55 5.30 -30.65
N ALA B 388 2.24 5.14 -30.69
CA ALA B 388 1.62 3.85 -30.44
C ALA B 388 2.08 2.78 -31.43
N PRO B 389 2.01 1.50 -31.04
CA PRO B 389 2.45 0.43 -31.98
C PRO B 389 1.69 0.40 -33.30
N ASP B 390 0.45 0.86 -33.28
CA ASP B 390 -0.36 0.94 -34.49
C ASP B 390 -0.52 2.38 -35.00
N ALA B 391 0.34 3.32 -34.60
CA ALA B 391 0.23 4.71 -35.08
C ALA B 391 0.44 4.81 -36.60
N ASP B 392 -0.26 5.76 -37.23
CA ASP B 392 -0.15 5.94 -38.69
C ASP B 392 1.09 6.77 -38.98
N VAL B 393 2.23 6.13 -38.85
CA VAL B 393 3.49 6.85 -38.96
C VAL B 393 4.47 5.91 -39.59
N PRO B 394 5.65 6.43 -39.98
CA PRO B 394 6.67 5.55 -40.49
C PRO B 394 6.99 4.44 -39.49
N PRO B 395 6.98 3.18 -39.95
CA PRO B 395 6.94 2.06 -39.05
C PRO B 395 8.14 2.06 -38.10
N GLN B 396 9.23 2.71 -38.43
CA GLN B 396 10.40 2.63 -37.55
C GLN B 396 10.19 3.33 -36.19
N TYR B 397 9.19 4.22 -36.12
CA TYR B 397 8.90 4.98 -34.89
C TYR B 397 7.85 4.32 -34.03
N ARG B 398 7.23 3.24 -34.52
CA ARG B 398 6.15 2.65 -33.78
C ARG B 398 6.57 2.00 -32.44
N GLY B 399 5.78 2.23 -31.40
CA GLY B 399 5.98 1.54 -30.13
C GLY B 399 7.09 2.19 -29.33
N ILE B 400 7.34 3.48 -29.58
CA ILE B 400 8.37 4.28 -28.87
C ILE B 400 7.64 5.24 -27.90
N GLY B 401 7.92 5.09 -26.60
CA GLY B 401 7.38 5.99 -25.56
C GLY B 401 8.57 6.56 -24.80
N ILE B 402 8.72 7.87 -24.86
CA ILE B 402 9.81 8.55 -24.20
C ILE B 402 9.25 9.69 -23.39
N ARG B 403 9.71 9.78 -22.15
CA ARG B 403 9.47 10.94 -21.34
C ARG B 403 10.75 11.25 -20.56
N ILE B 404 11.03 12.52 -20.40
CA ILE B 404 12.13 12.96 -19.58
C ILE B 404 11.55 13.99 -18.61
N GLU B 405 11.77 13.76 -17.33
CA GLU B 405 11.19 14.57 -16.28
C GLU B 405 12.14 14.93 -15.13
N ASP B 406 12.23 16.22 -14.81
CA ASP B 406 12.99 16.71 -13.69
C ASP B 406 12.04 17.51 -12.79
N ASP B 407 12.46 17.72 -11.55
CA ASP B 407 11.72 18.59 -10.55
C ASP B 407 12.50 19.83 -10.30
N ILE B 408 11.85 20.96 -10.38
CA ILE B 408 12.48 22.24 -10.18
C ILE B 408 11.77 23.11 -9.10
N VAL B 409 12.57 24.02 -8.55
CA VAL B 409 12.09 25.05 -7.62
CA VAL B 409 12.04 25.05 -7.66
C VAL B 409 12.28 26.38 -8.33
N ILE B 410 11.23 27.19 -8.41
CA ILE B 410 11.36 28.56 -8.91
C ILE B 410 12.10 29.41 -7.87
N THR B 411 13.16 30.09 -8.33
CA THR B 411 13.95 30.95 -7.50
C THR B 411 13.79 32.40 -7.97
N ALA B 412 14.45 33.33 -7.30
CA ALA B 412 14.36 34.75 -7.69
C ALA B 412 14.78 35.00 -9.13
N THR B 413 15.74 34.25 -9.63
CA THR B 413 16.32 34.52 -10.93
C THR B 413 16.01 33.48 -11.99
N GLY B 414 15.38 32.39 -11.61
CA GLY B 414 15.14 31.36 -12.60
C GLY B 414 14.59 30.15 -11.88
N ASN B 415 15.35 29.06 -11.92
CA ASN B 415 14.93 27.83 -11.21
C ASN B 415 16.09 27.05 -10.78
N GLU B 416 15.90 26.22 -9.78
CA GLU B 416 16.89 25.26 -9.34
C GLU B 416 16.36 23.89 -9.74
N ASN B 417 17.18 23.12 -10.45
CA ASN B 417 16.81 21.75 -10.82
C ASN B 417 17.28 20.78 -9.74
N LEU B 418 16.35 20.12 -9.09
CA LEU B 418 16.63 19.23 -7.96
C LEU B 418 17.03 17.82 -8.38
N THR B 419 16.91 17.47 -9.67
CA THR B 419 17.05 16.10 -10.16
C THR B 419 18.05 15.96 -11.33
N ALA B 420 18.81 17.03 -11.57
CA ALA B 420 19.76 17.04 -12.70
C ALA B 420 20.95 16.11 -12.44
N SER B 421 21.08 15.58 -11.24
CA SER B 421 22.18 14.66 -10.93
C SER B 421 22.03 13.28 -11.58
N VAL B 422 20.88 12.97 -12.20
CA VAL B 422 20.83 11.74 -13.03
C VAL B 422 20.86 12.17 -14.48
N VAL B 423 21.75 11.57 -15.26
CA VAL B 423 21.95 12.06 -16.61
C VAL B 423 20.68 11.98 -17.49
N LYS B 424 20.59 12.88 -18.47
CA LYS B 424 19.59 12.79 -19.54
C LYS B 424 20.11 12.94 -20.99
N ASP B 425 21.34 13.45 -21.18
CA ASP B 425 21.91 13.48 -22.53
C ASP B 425 22.07 12.06 -23.07
N PRO B 426 21.67 11.81 -24.33
CA PRO B 426 21.68 10.40 -24.73
C PRO B 426 23.10 9.81 -24.80
N ASP B 427 24.07 10.62 -25.17
CA ASP B 427 25.47 10.13 -25.10
C ASP B 427 25.94 9.83 -23.68
N ASP B 428 25.56 10.70 -22.72
CA ASP B 428 25.85 10.43 -21.31
C ASP B 428 25.21 9.14 -20.84
N ILE B 429 23.96 8.89 -21.23
CA ILE B 429 23.28 7.66 -20.85
C ILE B 429 24.04 6.44 -21.41
N GLU B 430 24.38 6.51 -22.69
CA GLU B 430 25.12 5.42 -23.30
C GLU B 430 26.47 5.19 -22.59
N ALA B 431 27.14 6.26 -22.22
CA ALA B 431 28.46 6.12 -21.53
C ALA B 431 28.31 5.50 -20.18
N LEU B 432 27.27 5.96 -19.42
CA LEU B 432 26.95 5.40 -18.10
C LEU B 432 26.67 3.90 -18.20
N MET B 433 25.82 3.52 -19.16
CA MET B 433 25.43 2.14 -19.34
C MET B 433 26.60 1.26 -19.86
N ALA B 434 27.48 1.83 -20.66
CA ALA B 434 28.71 1.11 -21.03
C ALA B 434 29.67 0.81 -19.86
N LEU B 435 29.69 1.60 -18.78
CA LEU B 435 30.60 1.29 -17.66
C LEU B 435 30.24 -0.05 -17.04
N ASN B 436 28.99 -0.46 -17.24
CA ASN B 436 28.37 -1.61 -16.58
C ASN B 436 27.95 -2.74 -17.57
MG MG C . 4.69 -13.89 11.01
MG MG D . 2.28 -15.74 11.32
OH2 1PE E . 0.65 -14.14 14.77
C12 1PE E . 0.80 -13.80 16.14
C22 1PE E . 2.17 -13.18 16.35
OH3 1PE E . 2.14 -11.80 15.97
C13 1PE E . 2.74 -10.17 14.29
C23 1PE E . 2.76 -11.62 14.71
OH4 1PE E . 3.04 -10.02 12.88
C14 1PE E . 1.92 -10.05 10.64
C24 1PE E . 2.15 -10.70 11.99
OH5 1PE E . 0.55 -10.28 10.24
C15 1PE E . -1.50 -9.04 9.59
C25 1PE E . 0.00 -9.21 9.46
OH6 1PE E . -1.73 -8.47 10.88
C16 1PE E . -3.19 -7.70 12.64
C26 1PE E . -3.08 -8.27 11.23
OH7 1PE E . -3.59 -8.66 13.64
C1 PGE F . -26.37 1.94 -6.62
O1 PGE F . -26.87 0.59 -6.67
C2 PGE F . -24.84 1.90 -6.44
O2 PGE F . -24.20 1.20 -7.53
C3 PGE F . -23.12 1.81 -8.25
C4 PGE F . -22.66 0.93 -9.44
O4 PGE F . -22.43 3.97 -12.32
C6 PGE F . -23.24 2.77 -12.18
C5 PGE F . -22.41 1.52 -11.79
O3 PGE F . -21.95 1.68 -10.43
C1 EDO G . -33.78 -11.48 1.66
O1 EDO G . -33.94 -10.10 2.06
C2 EDO G . -33.73 -11.57 0.14
O2 EDO G . -34.94 -11.09 -0.56
MG MG H . 5.19 14.18 -12.86
MG MG I . 6.48 11.38 -13.22
O1 P6G J . -3.34 13.08 -13.41
C2 P6G J . -4.39 12.15 -13.64
C3 P6G J . -4.00 10.74 -13.20
O4 P6G J . -3.31 10.74 -11.95
C5 P6G J . -3.26 9.45 -11.34
C6 P6G J . -2.38 9.49 -10.11
O7 P6G J . -1.05 9.71 -10.52
C8 P6G J . -0.08 9.62 -9.47
C9 P6G J . 1.25 9.22 -10.09
O10 P6G J . 1.80 10.31 -10.82
C11 P6G J . 3.21 10.22 -11.09
C12 P6G J . 3.43 9.26 -12.24
O13 P6G J . 2.70 9.77 -13.35
C14 P6G J . 2.86 9.05 -14.59
C15 P6G J . 2.04 9.74 -15.68
O16 P6G J . 2.79 10.82 -16.25
C17 P6G J . 2.04 11.59 -17.22
C18 P6G J . 2.46 13.04 -17.04
O19 P6G J . 1.40 13.82 -16.48
C1 EDO K . -23.45 25.00 9.03
O1 EDO K . -24.55 25.07 9.98
C2 EDO K . -23.95 25.00 7.61
O2 EDO K . -24.84 23.89 7.39
C1 EDO L . -3.30 18.63 -12.87
O1 EDO L . -3.32 19.66 -13.89
C2 EDO L . -1.96 17.90 -12.82
O2 EDO L . -2.16 16.48 -12.91
#